data_3ZZ1
#
_entry.id   3ZZ1
#
_cell.length_a   55.065
_cell.length_b   82.404
_cell.length_c   136.722
_cell.angle_alpha   90.00
_cell.angle_beta   90.00
_cell.angle_gamma   90.00
#
_symmetry.space_group_name_H-M   'P 21 21 21'
#
loop_
_entity.id
_entity.type
_entity.pdbx_description
1 polymer 'BETA-D-GLUCOSIDE GLUCOHYDROLASE'
2 non-polymer 2-acetamido-2-deoxy-beta-D-glucopyranose
3 non-polymer GLYCEROL
4 water water
#
_entity_poly.entity_id   1
_entity_poly.type   'polypeptide(L)'
_entity_poly.pdbx_seq_one_letter_code
;VVPPAGTPWGTAYDKAKAALAKLNLQDKVGIVSGVGWNGGPCVGNTSPASKISYPSLCLQDGPLGVRYSTGSTAFTPGVQ
AASTWDVNLIRERGQFIGEEVKASGIHVILGPVAGPLGKTPQGGRNWEGFGVDPYLTGIAMGQTINGIQSVGVQATAKHY
ILNEQELNRETISSNPDDRTLHELYTWPFADAVQANVASVMCSYNKVNTTWACEDQYTLQTVLKDQLGFPGYVMTDWNAQ
HTTVQSANSGLDMSMPGTDFNGNNRLWGPALTNAVNSNQVPTSRVDDMVTRILAAWYLTGQDQAGYPSFNISRNVQGNHK
TNVRAIARDGIVLLKNDANILPLKKPASIAVVGSAAIIGNHARNSPSCNDKGCDDGALGMGWGSGAVNYPYFVAPYDAIN
TRASSQGTQVTLSNTDNTSSGASAARGKDVAIVFITADSGEGYITVEGNAGDRNNLDPWHNGNALVQAVAGANSNVIVVV
HSVGAIILEQILALPQVKAVVWAGLPSQESGNALVDVLWGDVSPSGKLVYTIAKSPNDYNTRIVSGGSDSFSEGLFIDYK
HFDDANITPRYEFGYGLSYTKFNYSRLSVLSTAKSGPATGAVVPGGPSDLFQNVATVTVDIANSGQVTGAEVAQLYITYP
SSAPRTPPKQLRGFAKLNLTPGQSGTATFNIRRRDLSYWDTASQKWVVPSGSFGISVGASSRDIRLTSTLSVA
;
_entity_poly.pdbx_strand_id   A
#
# COMPACT_ATOMS: atom_id res chain seq x y z
N VAL A 1 5.38 26.23 -3.44
CA VAL A 1 6.29 27.42 -3.32
C VAL A 1 7.09 27.33 -2.00
N VAL A 2 6.70 28.09 -0.98
CA VAL A 2 7.23 27.89 0.38
C VAL A 2 6.07 27.67 1.36
N PRO A 3 6.29 26.87 2.42
CA PRO A 3 5.21 26.59 3.38
C PRO A 3 4.78 27.83 4.19
N PRO A 4 3.46 27.95 4.47
CA PRO A 4 2.97 29.10 5.23
C PRO A 4 3.43 29.11 6.69
N ALA A 5 3.63 30.32 7.22
CA ALA A 5 4.01 30.51 8.62
C ALA A 5 2.89 30.04 9.54
N GLY A 6 3.25 29.61 10.74
CA GLY A 6 2.28 29.12 11.72
C GLY A 6 1.82 27.69 11.48
N THR A 7 2.53 26.99 10.60
CA THR A 7 2.26 25.58 10.31
C THR A 7 3.50 24.76 10.65
N PRO A 8 3.34 23.44 10.88
CA PRO A 8 4.50 22.61 11.19
C PRO A 8 5.66 22.75 10.20
N TRP A 9 5.38 22.75 8.89
CA TRP A 9 6.41 22.91 7.87
C TRP A 9 7.04 24.31 7.87
N GLY A 10 6.22 25.31 8.17
CA GLY A 10 6.67 26.71 8.21
C GLY A 10 7.71 26.94 9.29
N THR A 11 7.44 26.41 10.48
CA THR A 11 8.34 26.51 11.62
C THR A 11 9.59 25.66 11.39
N ALA A 12 9.43 24.49 10.77
CA ALA A 12 10.56 23.64 10.41
C ALA A 12 11.48 24.36 9.43
N TYR A 13 10.89 25.10 8.51
CA TYR A 13 11.64 25.90 7.53
C TYR A 13 12.46 27.03 8.16
N ASP A 14 11.88 27.73 9.12
CA ASP A 14 12.61 28.77 9.87
C ASP A 14 13.85 28.18 10.54
N LYS A 15 13.66 27.05 11.23
CA LYS A 15 14.77 26.33 11.88
C LYS A 15 15.81 25.87 10.87
N ALA A 16 15.36 25.33 9.74
CA ALA A 16 16.26 24.81 8.71
C ALA A 16 17.13 25.90 8.09
N LYS A 17 16.56 27.09 7.91
CA LYS A 17 17.28 28.21 7.31
C LYS A 17 18.38 28.74 8.22
N ALA A 18 18.09 28.83 9.52
CA ALA A 18 19.10 29.21 10.51
C ALA A 18 20.27 28.23 10.57
N ALA A 19 19.97 26.93 10.47
CA ALA A 19 21.01 25.89 10.46
C ALA A 19 21.88 25.95 9.19
N LEU A 20 21.23 26.17 8.05
CA LEU A 20 21.91 26.30 6.75
C LEU A 20 22.98 27.41 6.74
N ALA A 21 22.70 28.51 7.44
CA ALA A 21 23.60 29.67 7.50
C ALA A 21 24.93 29.38 8.20
N LYS A 22 24.95 28.31 8.99
CA LYS A 22 26.15 27.92 9.74
CA LYS A 22 26.14 27.91 9.75
C LYS A 22 27.01 26.91 8.97
N LEU A 23 26.55 26.51 7.78
CA LEU A 23 27.22 25.45 7.03
C LEU A 23 28.04 25.95 5.83
N ASN A 24 29.09 25.21 5.48
CA ASN A 24 29.83 25.43 4.25
C ASN A 24 29.46 24.39 3.20
N LEU A 25 30.12 24.42 2.05
CA LEU A 25 29.73 23.54 0.93
C LEU A 25 29.91 22.05 1.26
N GLN A 26 31.02 21.69 1.92
CA GLN A 26 31.28 20.30 2.26
C GLN A 26 30.22 19.76 3.22
N ASP A 27 29.87 20.57 4.22
CA ASP A 27 28.75 20.26 5.11
C ASP A 27 27.52 19.87 4.30
N LYS A 28 27.17 20.75 3.35
CA LYS A 28 25.95 20.63 2.55
C LYS A 28 25.99 19.41 1.63
N VAL A 29 27.15 19.17 1.02
CA VAL A 29 27.35 18.03 0.12
C VAL A 29 27.26 16.72 0.89
N GLY A 30 27.74 16.72 2.13
CA GLY A 30 27.67 15.55 3.00
C GLY A 30 26.24 15.21 3.43
N ILE A 31 25.41 16.24 3.57
CA ILE A 31 24.01 16.08 3.95
C ILE A 31 23.15 15.45 2.83
N VAL A 32 23.48 15.80 1.58
CA VAL A 32 22.68 15.36 0.43
C VAL A 32 23.23 14.10 -0.26
N SER A 33 24.44 13.70 0.11
CA SER A 33 25.11 12.58 -0.57
C SER A 33 25.24 11.37 0.34
N GLY A 34 24.64 10.25 -0.07
CA GLY A 34 24.81 8.97 0.62
C GLY A 34 26.27 8.52 0.61
N VAL A 35 26.68 7.87 1.70
CA VAL A 35 28.09 7.48 1.88
C VAL A 35 28.54 6.36 0.95
N GLY A 36 27.57 5.64 0.38
CA GLY A 36 27.83 4.53 -0.53
C GLY A 36 26.99 3.32 -0.21
N TRP A 37 26.78 2.46 -1.21
CA TRP A 37 26.04 1.21 -1.03
C TRP A 37 26.69 0.37 0.06
N ASN A 38 25.93 0.06 1.11
CA ASN A 38 26.44 -0.60 2.33
C ASN A 38 27.60 0.17 2.97
N GLY A 39 27.59 1.49 2.81
CA GLY A 39 28.66 2.36 3.30
C GLY A 39 28.55 2.71 4.78
N GLY A 40 27.34 2.68 5.30
CA GLY A 40 27.09 2.90 6.72
C GLY A 40 26.37 1.72 7.34
N PRO A 41 25.96 1.86 8.61
CA PRO A 41 25.27 0.78 9.32
C PRO A 41 23.82 0.56 8.85
N CYS A 42 23.21 1.60 8.27
CA CYS A 42 21.81 1.51 7.83
C CYS A 42 21.73 1.22 6.33
N VAL A 43 20.51 1.02 5.82
CA VAL A 43 20.28 0.82 4.40
C VAL A 43 20.77 2.04 3.61
N GLY A 44 20.54 3.22 4.17
CA GLY A 44 21.08 4.46 3.63
C GLY A 44 21.65 5.31 4.75
N ASN A 45 22.74 6.03 4.45
CA ASN A 45 23.38 6.95 5.40
C ASN A 45 23.95 8.18 4.70
N THR A 46 23.83 9.34 5.33
CA THR A 46 24.50 10.55 4.85
C THR A 46 25.64 10.91 5.80
N SER A 47 26.37 11.98 5.50
CA SER A 47 27.48 12.41 6.35
C SER A 47 27.03 13.40 7.42
N PRO A 48 27.46 13.19 8.69
CA PRO A 48 27.03 14.09 9.77
C PRO A 48 27.56 15.53 9.64
N ALA A 49 26.79 16.48 10.15
CA ALA A 49 27.21 17.88 10.23
C ALA A 49 27.15 18.34 11.69
N SER A 50 28.29 18.23 12.36
CA SER A 50 28.40 18.48 13.80
C SER A 50 28.15 19.93 14.17
N LYS A 51 28.38 20.84 13.23
CA LYS A 51 28.18 22.27 13.45
C LYS A 51 26.75 22.60 13.87
N ILE A 52 25.81 21.76 13.46
CA ILE A 52 24.39 21.92 13.81
C ILE A 52 23.83 20.67 14.52
N SER A 53 24.74 19.84 15.03
CA SER A 53 24.40 18.61 15.75
C SER A 53 23.52 17.67 14.91
N TYR A 54 23.76 17.70 13.60
CA TYR A 54 23.06 16.84 12.66
C TYR A 54 23.80 15.51 12.55
N PRO A 55 23.13 14.40 12.89
CA PRO A 55 23.79 13.10 12.89
C PRO A 55 23.94 12.58 11.46
N SER A 56 24.64 11.46 11.30
CA SER A 56 24.57 10.73 10.04
C SER A 56 23.14 10.22 9.97
N LEU A 57 22.36 10.75 9.03
CA LEU A 57 20.95 10.36 8.88
C LEU A 57 20.86 8.87 8.55
N CYS A 58 20.03 8.15 9.29
CA CYS A 58 19.94 6.70 9.14
C CYS A 58 18.61 6.33 8.47
N LEU A 59 18.71 5.76 7.28
CA LEU A 59 17.56 5.38 6.48
C LEU A 59 17.44 3.87 6.40
N GLN A 60 16.24 3.36 6.66
CA GLN A 60 16.02 1.90 6.67
C GLN A 60 14.69 1.54 6.02
N ASP A 61 14.69 0.40 5.32
CA ASP A 61 13.46 -0.24 4.87
C ASP A 61 12.70 -0.78 6.08
N GLY A 62 11.39 -0.96 6.00
CA GLY A 62 10.58 -0.55 4.87
C GLY A 62 9.12 -0.38 5.27
N PRO A 63 8.20 -0.52 4.31
CA PRO A 63 6.77 -0.22 4.47
C PRO A 63 6.01 -1.06 5.51
N LEU A 64 6.52 -2.24 5.87
CA LEU A 64 5.85 -3.08 6.88
C LEU A 64 6.71 -3.38 8.12
N GLY A 65 7.77 -2.61 8.31
CA GLY A 65 8.61 -2.78 9.49
C GLY A 65 10.09 -2.63 9.24
N VAL A 66 10.87 -2.81 10.30
CA VAL A 66 12.31 -2.58 10.26
C VAL A 66 13.02 -3.74 9.58
N ARG A 67 13.69 -3.47 8.47
CA ARG A 67 14.45 -4.49 7.75
C ARG A 67 15.77 -4.81 8.44
N TYR A 68 16.15 -6.08 8.38
CA TYR A 68 17.40 -6.63 8.94
C TYR A 68 17.41 -6.71 10.47
N SER A 69 16.31 -6.32 11.09
CA SER A 69 16.21 -6.36 12.54
C SER A 69 15.89 -7.77 13.02
N THR A 70 16.40 -8.11 14.20
CA THR A 70 16.14 -9.39 14.82
C THR A 70 15.21 -9.25 16.02
N GLY A 71 14.84 -8.01 16.34
CA GLY A 71 13.92 -7.78 17.45
C GLY A 71 12.72 -6.91 17.11
N SER A 72 12.30 -6.97 15.86
CA SER A 72 11.20 -6.14 15.38
C SER A 72 9.98 -6.96 14.96
N THR A 73 8.84 -6.28 14.91
CA THR A 73 7.60 -6.86 14.44
C THR A 73 7.57 -6.88 12.92
N ALA A 74 7.07 -7.97 12.36
CA ALA A 74 6.74 -8.05 10.94
C ALA A 74 5.26 -7.68 10.79
N PHE A 75 5.01 -6.43 10.42
CA PHE A 75 3.63 -5.98 10.23
C PHE A 75 3.07 -6.55 8.93
N THR A 76 1.75 -6.54 8.82
CA THR A 76 1.11 -6.98 7.58
C THR A 76 1.52 -6.02 6.47
N PRO A 77 1.62 -6.52 5.23
CA PRO A 77 1.76 -5.65 4.07
C PRO A 77 0.64 -4.61 4.01
N GLY A 78 0.92 -3.49 3.36
CA GLY A 78 -0.07 -2.43 3.16
C GLY A 78 -1.39 -2.90 2.56
N VAL A 79 -1.32 -3.89 1.67
CA VAL A 79 -2.54 -4.39 0.99
C VAL A 79 -3.53 -4.99 2.00
N GLN A 80 -3.00 -5.67 3.01
CA GLN A 80 -3.84 -6.25 4.07
C GLN A 80 -4.48 -5.16 4.93
N ALA A 81 -3.70 -4.12 5.23
CA ALA A 81 -4.20 -2.96 5.98
C ALA A 81 -5.34 -2.24 5.24
N ALA A 82 -5.17 -2.05 3.93
CA ALA A 82 -6.23 -1.47 3.10
C ALA A 82 -7.45 -2.40 2.99
N SER A 83 -7.21 -3.71 3.02
CA SER A 83 -8.29 -4.71 2.96
C SER A 83 -9.21 -4.68 4.19
N THR A 84 -8.73 -4.08 5.29
CA THR A 84 -9.56 -3.87 6.47
C THR A 84 -10.55 -2.73 6.26
N TRP A 85 -10.19 -1.79 5.36
CA TRP A 85 -10.97 -0.56 5.14
C TRP A 85 -11.19 0.18 6.48
N ASP A 86 -10.22 0.03 7.38
CA ASP A 86 -10.31 0.55 8.73
C ASP A 86 -9.21 1.59 8.97
N VAL A 87 -9.59 2.88 8.86
CA VAL A 87 -8.64 3.99 9.04
C VAL A 87 -7.92 3.94 10.39
N ASN A 88 -8.62 3.45 11.41
CA ASN A 88 -8.06 3.34 12.75
C ASN A 88 -6.94 2.31 12.83
N LEU A 89 -7.17 1.12 12.26
CA LEU A 89 -6.13 0.09 12.20
C LEU A 89 -4.96 0.53 11.34
N ILE A 90 -5.26 1.25 10.26
CA ILE A 90 -4.25 1.75 9.34
C ILE A 90 -3.34 2.79 10.02
N ARG A 91 -3.94 3.73 10.76
CA ARG A 91 -3.14 4.72 11.49
C ARG A 91 -2.29 4.06 12.58
N GLU A 92 -2.89 3.12 13.31
CA GLU A 92 -2.20 2.40 14.38
C GLU A 92 -0.98 1.64 13.86
N ARG A 93 -1.14 0.98 12.71
CA ARG A 93 -0.04 0.30 12.03
C ARG A 93 1.13 1.27 11.81
N GLY A 94 0.81 2.47 11.33
CA GLY A 94 1.82 3.52 11.15
C GLY A 94 2.49 3.92 12.46
N GLN A 95 1.69 4.14 13.49
CA GLN A 95 2.20 4.50 14.82
C GLN A 95 3.14 3.44 15.39
N PHE A 96 2.72 2.19 15.27
CA PHE A 96 3.46 1.06 15.80
C PHE A 96 4.78 0.86 15.03
N ILE A 97 4.73 0.99 13.71
CA ILE A 97 5.93 1.00 12.86
C ILE A 97 6.86 2.14 13.28
N GLY A 98 6.30 3.33 13.46
CA GLY A 98 7.03 4.50 13.92
C GLY A 98 7.75 4.24 15.23
N GLU A 99 7.04 3.66 16.20
CA GLU A 99 7.60 3.33 17.51
C GLU A 99 8.82 2.43 17.43
N GLU A 100 8.72 1.38 16.60
CA GLU A 100 9.80 0.41 16.42
C GLU A 100 11.00 1.00 15.70
N VAL A 101 10.74 1.84 14.70
CA VAL A 101 11.77 2.51 13.93
C VAL A 101 12.61 3.45 14.82
N LYS A 102 11.94 4.30 15.59
CA LYS A 102 12.62 5.21 16.52
CA LYS A 102 12.63 5.21 16.51
C LYS A 102 13.38 4.42 17.58
N ALA A 103 12.71 3.41 18.14
CA ALA A 103 13.31 2.57 19.18
C ALA A 103 14.57 1.87 18.68
N SER A 104 14.67 1.68 17.37
CA SER A 104 15.84 1.06 16.75
C SER A 104 16.88 2.11 16.31
N GLY A 105 16.55 3.38 16.52
CA GLY A 105 17.49 4.47 16.25
C GLY A 105 17.64 4.80 14.78
N ILE A 106 16.57 4.56 14.03
CA ILE A 106 16.50 4.90 12.61
C ILE A 106 15.69 6.18 12.47
N HIS A 107 16.19 7.11 11.67
CA HIS A 107 15.51 8.39 11.44
C HIS A 107 14.45 8.32 10.33
N VAL A 108 14.74 7.56 9.27
CA VAL A 108 13.86 7.53 8.11
C VAL A 108 13.44 6.09 7.78
N ILE A 109 12.13 5.85 7.72
CA ILE A 109 11.59 4.58 7.26
C ILE A 109 11.13 4.70 5.81
N LEU A 110 11.57 3.76 4.98
CA LEU A 110 11.36 3.85 3.54
C LEU A 110 10.01 3.26 3.12
N GLY A 111 8.97 4.04 3.37
CA GLY A 111 7.57 3.67 3.13
C GLY A 111 6.70 4.74 3.78
N PRO A 112 5.38 4.69 3.56
CA PRO A 112 4.55 3.71 2.86
C PRO A 112 4.53 3.85 1.32
N VAL A 113 3.85 2.92 0.65
CA VAL A 113 3.90 2.83 -0.82
C VAL A 113 2.61 3.28 -1.49
N ALA A 114 2.73 4.33 -2.31
CA ALA A 114 1.60 4.83 -3.13
C ALA A 114 1.84 4.49 -4.61
N GLY A 115 3.07 4.09 -4.92
CA GLY A 115 3.46 3.71 -6.27
C GLY A 115 4.38 2.52 -6.23
N PRO A 116 4.04 1.43 -6.94
CA PRO A 116 2.90 1.31 -7.86
C PRO A 116 1.54 1.39 -7.17
N LEU A 117 0.56 1.97 -7.87
CA LEU A 117 -0.82 1.92 -7.43
C LEU A 117 -1.32 0.50 -7.65
N GLY A 118 -1.02 -0.07 -8.82
CA GLY A 118 -1.28 -1.48 -9.09
C GLY A 118 -2.31 -1.74 -10.16
N LYS A 119 -2.11 -1.16 -11.34
CA LYS A 119 -3.05 -1.31 -12.46
C LYS A 119 -3.08 -2.73 -13.05
N THR A 120 -2.00 -3.48 -12.87
CA THR A 120 -1.86 -4.81 -13.43
C THR A 120 -1.76 -5.83 -12.29
N PRO A 121 -2.69 -6.81 -12.25
CA PRO A 121 -2.69 -7.80 -11.17
C PRO A 121 -1.38 -8.58 -11.05
N GLN A 122 -0.66 -8.77 -12.16
CA GLN A 122 0.62 -9.50 -12.17
C GLN A 122 1.77 -8.71 -11.54
N GLY A 123 1.58 -7.39 -11.36
CA GLY A 123 2.57 -6.52 -10.76
C GLY A 123 3.18 -7.08 -9.48
N GLY A 124 4.49 -7.25 -9.48
CA GLY A 124 5.22 -7.90 -8.39
C GLY A 124 5.15 -7.27 -7.01
N ARG A 125 4.97 -5.94 -6.97
CA ARG A 125 5.06 -5.19 -5.71
C ARG A 125 3.77 -4.49 -5.29
N ASN A 126 2.68 -4.75 -6.02
CA ASN A 126 1.38 -4.15 -5.70
C ASN A 126 0.95 -4.37 -4.25
N TRP A 127 1.29 -5.53 -3.70
CA TRP A 127 0.96 -5.91 -2.33
C TRP A 127 1.56 -4.97 -1.26
N GLU A 128 2.62 -4.24 -1.61
CA GLU A 128 3.24 -3.29 -0.68
C GLU A 128 2.40 -2.02 -0.51
N GLY A 129 1.60 -1.72 -1.54
CA GLY A 129 0.72 -0.57 -1.52
C GLY A 129 -0.60 -0.82 -0.82
N PHE A 130 -1.65 -0.15 -1.26
CA PHE A 130 -2.95 -0.20 -0.58
C PHE A 130 -4.12 -0.54 -1.50
N GLY A 131 -3.85 -1.30 -2.56
CA GLY A 131 -4.88 -1.61 -3.55
C GLY A 131 -4.85 -0.66 -4.74
N VAL A 132 -5.83 -0.82 -5.63
CA VAL A 132 -5.84 -0.18 -6.96
C VAL A 132 -6.47 1.21 -7.01
N ASP A 133 -7.10 1.62 -5.90
CA ASP A 133 -7.91 2.84 -5.90
C ASP A 133 -7.13 4.02 -5.33
N PRO A 134 -7.05 5.12 -6.10
CA PRO A 134 -6.27 6.29 -5.67
C PRO A 134 -6.85 6.96 -4.43
N TYR A 135 -8.18 6.98 -4.31
CA TYR A 135 -8.82 7.55 -3.12
C TYR A 135 -8.46 6.76 -1.85
N LEU A 136 -8.74 5.46 -1.86
CA LEU A 136 -8.43 4.57 -0.73
C LEU A 136 -6.93 4.60 -0.39
N THR A 137 -6.09 4.40 -1.41
CA THR A 137 -4.64 4.43 -1.24
C THR A 137 -4.20 5.77 -0.66
N GLY A 138 -4.80 6.86 -1.16
CA GLY A 138 -4.54 8.19 -0.64
C GLY A 138 -4.90 8.34 0.82
N ILE A 139 -6.12 7.94 1.18
CA ILE A 139 -6.55 7.94 2.59
C ILE A 139 -5.60 7.10 3.43
N ALA A 140 -5.32 5.87 2.99
CA ALA A 140 -4.38 5.00 3.68
C ALA A 140 -2.99 5.63 3.82
N MET A 141 -2.49 6.24 2.74
CA MET A 141 -1.21 6.96 2.80
C MET A 141 -1.18 7.99 3.91
N GLY A 142 -2.17 8.88 3.90
CA GLY A 142 -2.30 9.94 4.90
C GLY A 142 -2.40 9.44 6.33
N GLN A 143 -3.20 8.39 6.54
CA GLN A 143 -3.37 7.82 7.88
C GLN A 143 -2.08 7.17 8.38
N THR A 144 -1.36 6.50 7.48
CA THR A 144 -0.13 5.78 7.83
C THR A 144 1.00 6.75 8.17
N ILE A 145 1.08 7.83 7.41
CA ILE A 145 2.13 8.85 7.60
C ILE A 145 1.87 9.67 8.86
N ASN A 146 0.61 10.02 9.11
CA ASN A 146 0.23 10.63 10.39
C ASN A 146 0.71 9.73 11.55
N GLY A 147 0.43 8.43 11.44
CA GLY A 147 0.84 7.47 12.44
C GLY A 147 2.34 7.40 12.65
N ILE A 148 3.09 7.15 11.58
CA ILE A 148 4.55 7.08 11.64
C ILE A 148 5.15 8.36 12.22
N GLN A 149 4.76 9.50 11.66
CA GLN A 149 5.40 10.78 12.00
C GLN A 149 4.98 11.37 13.34
N SER A 150 3.87 10.89 13.90
CA SER A 150 3.44 11.30 15.24
C SER A 150 4.44 10.84 16.30
N VAL A 151 5.20 9.81 15.96
CA VAL A 151 6.21 9.20 16.84
C VAL A 151 7.53 9.96 16.75
N GLY A 152 7.70 10.73 15.67
CA GLY A 152 8.92 11.52 15.48
C GLY A 152 9.88 10.84 14.54
N VAL A 153 9.32 10.10 13.58
CA VAL A 153 10.08 9.37 12.58
C VAL A 153 9.73 9.96 11.21
N GLN A 154 10.71 10.00 10.31
CA GLN A 154 10.47 10.45 8.94
C GLN A 154 9.91 9.33 8.07
N ALA A 155 8.79 9.59 7.39
CA ALA A 155 8.23 8.65 6.43
C ALA A 155 8.66 9.01 5.02
N THR A 156 8.66 8.03 4.12
CA THR A 156 9.08 8.24 2.75
C THR A 156 8.03 7.69 1.78
N ALA A 157 7.26 8.58 1.17
CA ALA A 157 6.28 8.20 0.17
C ALA A 157 6.99 7.75 -1.11
N LYS A 158 6.81 6.48 -1.46
CA LYS A 158 7.46 5.89 -2.63
C LYS A 158 6.44 5.05 -3.41
N HIS A 159 6.67 4.72 -4.68
CA HIS A 159 7.78 5.20 -5.50
C HIS A 159 7.22 6.19 -6.52
N TYR A 160 7.86 7.35 -6.62
CA TYR A 160 7.37 8.44 -7.46
C TYR A 160 8.18 8.50 -8.77
N ILE A 161 7.59 8.10 -9.89
CA ILE A 161 6.19 7.69 -10.03
C ILE A 161 6.06 6.76 -11.25
N LEU A 162 4.95 6.02 -11.32
CA LEU A 162 4.59 5.19 -12.49
C LEU A 162 5.42 3.91 -12.65
N ASN A 163 5.89 3.39 -11.52
CA ASN A 163 6.63 2.13 -11.44
C ASN A 163 5.65 0.96 -11.32
N GLU A 164 4.84 0.77 -12.36
CA GLU A 164 3.69 -0.15 -12.31
C GLU A 164 4.00 -1.62 -12.65
N GLN A 165 5.26 -1.91 -12.97
CA GLN A 165 5.72 -3.29 -13.18
C GLN A 165 7.18 -3.43 -12.79
N GLU A 166 7.58 -4.66 -12.45
CA GLU A 166 8.96 -4.92 -12.07
C GLU A 166 9.87 -5.17 -13.27
N LEU A 167 9.32 -5.80 -14.30
CA LEU A 167 10.08 -6.13 -15.51
C LEU A 167 10.60 -4.87 -16.19
N ASN A 168 11.93 -4.83 -16.37
CA ASN A 168 12.61 -3.69 -16.97
C ASN A 168 12.35 -2.34 -16.29
N ARG A 169 12.03 -2.40 -14.99
CA ARG A 169 11.78 -1.20 -14.19
C ARG A 169 12.86 -0.11 -14.29
N GLU A 170 14.11 -0.51 -14.54
CA GLU A 170 15.23 0.44 -14.62
C GLU A 170 15.40 1.08 -16.00
N THR A 171 14.64 0.58 -16.99
CA THR A 171 14.78 1.04 -18.38
C THR A 171 13.46 1.48 -19.02
N ILE A 172 12.37 0.81 -18.68
CA ILE A 172 11.05 1.12 -19.26
C ILE A 172 10.61 2.57 -19.02
N SER A 173 9.91 3.13 -20.01
CA SER A 173 9.33 4.46 -19.89
C SER A 173 7.81 4.36 -19.78
N SER A 174 7.26 4.97 -18.73
CA SER A 174 5.82 5.07 -18.54
C SER A 174 5.35 6.40 -19.12
N ASN A 175 4.50 6.34 -20.15
CA ASN A 175 4.12 7.55 -20.88
C ASN A 175 2.60 7.85 -20.89
N PRO A 176 1.96 8.01 -19.72
CA PRO A 176 0.54 8.35 -19.78
C PRO A 176 0.33 9.81 -20.18
N ASP A 177 -0.90 10.13 -20.58
CA ASP A 177 -1.31 11.52 -20.77
C ASP A 177 -1.26 12.28 -19.44
N ASP A 178 -1.30 13.60 -19.53
CA ASP A 178 -1.18 14.46 -18.34
C ASP A 178 -2.27 14.22 -17.30
N ARG A 179 -3.52 14.16 -17.75
CA ARG A 179 -4.64 13.96 -16.82
C ARG A 179 -4.50 12.65 -16.04
N THR A 180 -4.11 11.58 -16.74
CA THR A 180 -3.90 10.28 -16.10
C THR A 180 -2.79 10.34 -15.06
N LEU A 181 -1.68 11.00 -15.42
CA LEU A 181 -0.56 11.16 -14.50
C LEU A 181 -1.02 11.81 -13.19
N HIS A 182 -1.80 12.88 -13.31
CA HIS A 182 -2.23 13.68 -12.16
C HIS A 182 -3.39 13.08 -11.37
N GLU A 183 -4.42 12.65 -12.08
CA GLU A 183 -5.71 12.32 -11.49
C GLU A 183 -5.77 10.90 -10.92
N LEU A 184 -4.93 10.02 -11.44
CA LEU A 184 -4.88 8.64 -10.98
C LEU A 184 -3.63 8.36 -10.14
N TYR A 185 -2.47 8.49 -10.77
CA TYR A 185 -1.21 8.07 -10.14
C TYR A 185 -0.63 9.04 -9.11
N THR A 186 -0.69 10.34 -9.39
CA THR A 186 -0.14 11.35 -8.47
C THR A 186 -1.07 11.56 -7.28
N TRP A 187 -2.38 11.38 -7.50
CA TRP A 187 -3.39 11.56 -6.45
C TRP A 187 -2.98 11.10 -5.04
N PRO A 188 -2.56 9.82 -4.87
CA PRO A 188 -2.22 9.38 -3.52
C PRO A 188 -0.95 10.01 -2.92
N PHE A 189 -0.06 10.49 -3.78
CA PHE A 189 1.12 11.23 -3.32
C PHE A 189 0.73 12.59 -2.76
N ALA A 190 -0.33 13.19 -3.31
CA ALA A 190 -0.88 14.43 -2.78
C ALA A 190 -1.41 14.25 -1.35
N ASP A 191 -2.10 13.14 -1.10
CA ASP A 191 -2.51 12.79 0.25
C ASP A 191 -1.30 12.69 1.17
N ALA A 192 -0.24 12.03 0.70
CA ALA A 192 1.00 11.87 1.48
C ALA A 192 1.61 13.22 1.83
N VAL A 193 1.70 14.10 0.83
CA VAL A 193 2.23 15.44 1.01
C VAL A 193 1.38 16.22 1.99
N GLN A 194 0.06 16.18 1.80
CA GLN A 194 -0.88 16.89 2.69
C GLN A 194 -0.78 16.38 4.13
N ALA A 195 -0.33 15.14 4.29
CA ALA A 195 -0.11 14.54 5.60
C ALA A 195 1.25 14.95 6.16
N ASN A 196 1.91 15.88 5.47
CA ASN A 196 3.24 16.38 5.82
C ASN A 196 4.34 15.31 5.76
N VAL A 197 4.26 14.42 4.77
CA VAL A 197 5.30 13.42 4.58
C VAL A 197 6.64 14.16 4.50
N ALA A 198 7.67 13.59 5.11
CA ALA A 198 8.97 14.22 5.21
C ALA A 198 9.70 14.12 3.88
N SER A 199 9.59 12.95 3.25
CA SER A 199 10.34 12.64 2.05
CA SER A 199 10.33 12.66 2.04
C SER A 199 9.52 11.86 1.03
N VAL A 200 9.99 11.88 -0.21
CA VAL A 200 9.43 11.15 -1.32
C VAL A 200 10.60 10.49 -2.02
N MET A 201 10.43 9.23 -2.42
CA MET A 201 11.48 8.54 -3.16
C MET A 201 11.11 8.45 -4.65
N CYS A 202 11.98 8.95 -5.51
CA CYS A 202 11.77 8.84 -6.96
C CYS A 202 12.16 7.45 -7.49
N SER A 203 11.49 7.03 -8.56
CA SER A 203 11.52 5.63 -9.00
C SER A 203 12.62 5.28 -10.00
N TYR A 204 12.75 3.98 -10.27
CA TYR A 204 13.74 3.46 -11.23
C TYR A 204 13.42 3.81 -12.69
N ASN A 205 12.14 3.93 -12.99
CA ASN A 205 11.67 3.98 -14.38
C ASN A 205 11.81 5.35 -15.01
N LYS A 206 11.61 5.40 -16.33
CA LYS A 206 11.50 6.64 -17.05
C LYS A 206 10.05 7.08 -17.09
N VAL A 207 9.84 8.39 -17.20
CA VAL A 207 8.52 8.99 -17.34
C VAL A 207 8.62 9.89 -18.56
N ASN A 208 7.89 9.54 -19.62
CA ASN A 208 8.01 10.22 -20.92
C ASN A 208 9.45 10.34 -21.41
N THR A 209 10.18 9.21 -21.34
CA THR A 209 11.59 9.07 -21.77
C THR A 209 12.66 9.64 -20.81
N THR A 210 12.23 10.29 -19.73
CA THR A 210 13.15 10.85 -18.75
C THR A 210 13.11 10.06 -17.44
N TRP A 211 14.25 9.56 -16.97
CA TRP A 211 14.31 8.84 -15.69
C TRP A 211 13.69 9.68 -14.57
N ALA A 212 12.88 9.02 -13.74
CA ALA A 212 12.08 9.69 -12.71
C ALA A 212 12.91 10.59 -11.79
N CYS A 213 14.15 10.18 -11.51
CA CYS A 213 15.02 10.94 -10.60
C CYS A 213 15.73 12.12 -11.30
N GLU A 214 15.29 12.42 -12.53
CA GLU A 214 15.88 13.48 -13.37
C GLU A 214 14.80 14.29 -14.08
N ASP A 215 13.55 14.04 -13.72
CA ASP A 215 12.41 14.60 -14.43
C ASP A 215 11.97 15.91 -13.78
N GLN A 216 12.34 17.03 -14.41
CA GLN A 216 12.01 18.35 -13.89
CA GLN A 216 12.01 18.35 -13.90
C GLN A 216 10.50 18.55 -13.73
N TYR A 217 9.72 18.13 -14.73
CA TYR A 217 8.26 18.29 -14.65
C TYR A 217 7.65 17.60 -13.42
N THR A 218 7.88 16.31 -13.26
CA THR A 218 7.26 15.56 -12.15
C THR A 218 7.83 15.93 -10.78
N LEU A 219 9.15 16.09 -10.70
CA LEU A 219 9.82 16.42 -9.44
C LEU A 219 9.60 17.87 -9.01
N GLN A 220 9.87 18.81 -9.91
CA GLN A 220 9.82 20.23 -9.56
C GLN A 220 8.42 20.79 -9.72
N THR A 221 7.86 20.70 -10.93
CA THR A 221 6.58 21.33 -11.21
C THR A 221 5.43 20.63 -10.49
N VAL A 222 5.30 19.33 -10.66
CA VAL A 222 4.19 18.60 -10.03
C VAL A 222 4.35 18.44 -8.52
N LEU A 223 5.35 17.69 -8.08
CA LEU A 223 5.50 17.37 -6.66
C LEU A 223 5.76 18.62 -5.82
N LYS A 224 6.72 19.43 -6.24
CA LYS A 224 7.16 20.53 -5.39
C LYS A 224 6.36 21.82 -5.58
N ASP A 225 5.99 22.13 -6.82
CA ASP A 225 5.30 23.38 -7.12
C ASP A 225 3.78 23.26 -7.08
N GLN A 226 3.25 22.20 -7.69
CA GLN A 226 1.81 22.00 -7.75
C GLN A 226 1.25 21.36 -6.48
N LEU A 227 1.95 20.36 -5.95
CA LEU A 227 1.54 19.71 -4.70
C LEU A 227 2.09 20.41 -3.45
N GLY A 228 2.96 21.42 -3.66
CA GLY A 228 3.51 22.21 -2.57
C GLY A 228 4.31 21.42 -1.55
N PHE A 229 5.04 20.40 -2.01
CA PHE A 229 5.85 19.53 -1.15
C PHE A 229 7.08 20.29 -0.63
N PRO A 230 7.18 20.45 0.71
CA PRO A 230 8.32 21.17 1.28
C PRO A 230 9.48 20.26 1.69
N GLY A 231 9.29 18.95 1.62
CA GLY A 231 10.33 17.98 2.01
C GLY A 231 11.31 17.64 0.90
N TYR A 232 12.03 16.53 1.07
CA TYR A 232 13.11 16.18 0.15
C TYR A 232 12.86 14.92 -0.68
N VAL A 233 13.39 14.93 -1.90
CA VAL A 233 13.32 13.81 -2.82
C VAL A 233 14.62 13.01 -2.79
N MET A 234 14.51 11.74 -2.43
CA MET A 234 15.63 10.82 -2.50
C MET A 234 15.42 9.89 -3.69
N THR A 235 16.51 9.31 -4.18
CA THR A 235 16.45 8.33 -5.26
C THR A 235 16.14 6.96 -4.66
N ASP A 236 15.49 6.11 -5.44
CA ASP A 236 15.49 4.68 -5.16
C ASP A 236 16.96 4.26 -5.31
N TRP A 237 17.28 3.01 -4.95
CA TRP A 237 18.68 2.63 -4.76
C TRP A 237 19.45 2.50 -6.09
N ASN A 238 20.33 3.47 -6.34
CA ASN A 238 21.06 3.62 -7.61
C ASN A 238 20.11 3.95 -8.78
N ALA A 239 19.08 4.74 -8.50
CA ALA A 239 18.14 5.21 -9.51
C ALA A 239 18.54 6.58 -10.11
N GLN A 240 19.71 7.08 -9.69
CA GLN A 240 20.27 8.33 -10.22
C GLN A 240 21.14 8.06 -11.44
N HIS A 241 21.06 8.93 -12.45
CA HIS A 241 21.80 8.72 -13.70
C HIS A 241 22.80 9.84 -14.04
N THR A 242 22.51 11.07 -13.62
CA THR A 242 23.43 12.19 -13.83
C THR A 242 23.78 12.94 -12.55
N THR A 243 24.92 13.63 -12.57
CA THR A 243 25.29 14.55 -11.50
C THR A 243 24.46 15.83 -11.58
N VAL A 244 24.54 16.50 -12.72
CA VAL A 244 24.02 17.86 -12.90
C VAL A 244 22.50 17.95 -13.15
N GLN A 245 21.99 17.19 -14.13
CA GLN A 245 20.56 17.24 -14.47
C GLN A 245 19.66 16.83 -13.30
N SER A 246 20.04 15.76 -12.60
CA SER A 246 19.26 15.29 -11.45
C SER A 246 19.14 16.40 -10.41
N ALA A 247 20.29 16.97 -10.02
CA ALA A 247 20.34 18.12 -9.11
C ALA A 247 19.42 19.26 -9.55
N ASN A 248 19.56 19.71 -10.81
CA ASN A 248 18.78 20.84 -11.31
C ASN A 248 17.30 20.56 -11.57
N SER A 249 16.94 19.28 -11.69
CA SER A 249 15.55 18.90 -11.88
C SER A 249 14.74 18.90 -10.57
N GLY A 250 15.44 18.89 -9.44
CA GLY A 250 14.79 18.88 -8.14
C GLY A 250 15.11 17.70 -7.23
N LEU A 251 16.08 16.88 -7.61
CA LEU A 251 16.59 15.83 -6.72
C LEU A 251 17.32 16.44 -5.52
N ASP A 252 17.11 15.86 -4.34
CA ASP A 252 17.66 16.39 -3.09
C ASP A 252 18.64 15.46 -2.40
N MET A 253 18.54 14.16 -2.67
CA MET A 253 19.33 13.17 -1.94
C MET A 253 19.72 11.97 -2.81
N SER A 254 21.03 11.71 -2.86
CA SER A 254 21.58 10.62 -3.64
C SER A 254 21.72 9.36 -2.77
N MET A 255 20.82 8.40 -2.99
CA MET A 255 20.79 7.15 -2.20
C MET A 255 21.08 5.93 -3.06
N PRO A 256 21.96 5.02 -2.57
CA PRO A 256 22.71 5.11 -1.31
C PRO A 256 24.02 5.86 -1.45
N GLY A 257 24.31 6.35 -2.66
CA GLY A 257 25.55 7.10 -2.92
C GLY A 257 26.37 6.48 -4.03
N THR A 258 26.35 5.15 -4.11
CA THR A 258 27.03 4.41 -5.17
C THR A 258 26.13 3.29 -5.67
N ASP A 259 26.54 2.60 -6.73
CA ASP A 259 25.89 1.34 -7.11
C ASP A 259 26.38 0.23 -6.19
N PHE A 260 25.86 -0.98 -6.37
CA PHE A 260 26.21 -2.13 -5.53
C PHE A 260 27.72 -2.35 -5.42
N ASN A 261 28.45 -1.98 -6.48
CA ASN A 261 29.89 -2.21 -6.59
C ASN A 261 30.77 -1.04 -6.12
N GLY A 262 30.14 0.04 -5.67
CA GLY A 262 30.87 1.23 -5.24
C GLY A 262 31.20 2.20 -6.37
N ASN A 263 30.59 1.98 -7.53
CA ASN A 263 30.75 2.88 -8.69
C ASN A 263 29.55 3.81 -8.82
N ASN A 264 29.59 4.72 -9.81
CA ASN A 264 28.48 5.62 -10.09
C ASN A 264 28.19 6.58 -8.91
N ARG A 265 29.26 7.08 -8.30
CA ARG A 265 29.14 8.10 -7.25
C ARG A 265 28.94 9.46 -7.91
N LEU A 266 27.67 9.78 -8.19
CA LEU A 266 27.32 10.94 -9.00
C LEU A 266 27.30 12.25 -8.23
N TRP A 267 27.03 12.18 -6.93
CA TRP A 267 27.18 13.34 -6.07
C TRP A 267 28.45 13.18 -5.24
N GLY A 268 28.44 13.60 -3.98
CA GLY A 268 29.67 13.63 -3.19
C GLY A 268 30.69 14.55 -3.86
N PRO A 269 31.91 14.04 -4.09
CA PRO A 269 32.94 14.88 -4.74
C PRO A 269 32.52 15.41 -6.10
N ALA A 270 31.77 14.62 -6.86
CA ALA A 270 31.27 15.05 -8.16
C ALA A 270 30.27 16.22 -8.06
N LEU A 271 29.44 16.22 -7.00
CA LEU A 271 28.56 17.35 -6.74
C LEU A 271 29.34 18.58 -6.33
N THR A 272 30.31 18.39 -5.44
CA THR A 272 31.26 19.47 -5.09
C THR A 272 31.87 20.06 -6.36
N ASN A 273 32.32 19.19 -7.27
CA ASN A 273 32.89 19.61 -8.55
C ASN A 273 31.90 20.33 -9.46
N ALA A 274 30.65 19.86 -9.48
CA ALA A 274 29.59 20.48 -10.30
C ALA A 274 29.19 21.87 -9.81
N VAL A 275 29.26 22.09 -8.50
CA VAL A 275 28.99 23.40 -7.90
C VAL A 275 30.15 24.36 -8.19
N ASN A 276 31.39 23.89 -8.00
CA ASN A 276 32.59 24.69 -8.26
C ASN A 276 32.78 25.06 -9.72
N SER A 277 32.33 24.19 -10.62
CA SER A 277 32.42 24.41 -12.06
CA SER A 277 32.42 24.41 -12.05
C SER A 277 31.15 25.10 -12.57
N ASN A 278 30.32 25.55 -11.64
CA ASN A 278 29.10 26.32 -11.95
C ASN A 278 28.05 25.58 -12.80
N GLN A 279 28.04 24.26 -12.73
CA GLN A 279 27.04 23.45 -13.42
C GLN A 279 25.77 23.27 -12.61
N VAL A 280 25.91 23.27 -11.29
CA VAL A 280 24.78 23.32 -10.36
C VAL A 280 24.94 24.55 -9.48
N PRO A 281 23.95 25.47 -9.52
CA PRO A 281 24.02 26.66 -8.68
C PRO A 281 23.97 26.29 -7.20
N THR A 282 24.66 27.07 -6.38
CA THR A 282 24.67 26.86 -4.93
C THR A 282 23.27 26.94 -4.34
N SER A 283 22.42 27.81 -4.92
CA SER A 283 21.04 27.97 -4.49
C SER A 283 20.27 26.64 -4.53
N ARG A 284 20.53 25.83 -5.56
CA ARG A 284 19.90 24.52 -5.69
C ARG A 284 20.31 23.58 -4.55
N VAL A 285 21.60 23.53 -4.25
CA VAL A 285 22.13 22.73 -3.13
C VAL A 285 21.63 23.27 -1.80
N ASP A 286 21.59 24.59 -1.66
CA ASP A 286 21.00 25.23 -0.48
C ASP A 286 19.54 24.81 -0.28
N ASP A 287 18.80 24.67 -1.37
CA ASP A 287 17.41 24.19 -1.32
C ASP A 287 17.31 22.72 -0.90
N MET A 288 18.23 21.88 -1.38
CA MET A 288 18.26 20.46 -1.01
C MET A 288 18.39 20.33 0.51
N VAL A 289 19.33 21.08 1.07
CA VAL A 289 19.67 21.01 2.48
C VAL A 289 18.52 21.53 3.35
N THR A 290 17.93 22.65 2.94
CA THR A 290 16.76 23.19 3.62
C THR A 290 15.65 22.15 3.76
N ARG A 291 15.32 21.48 2.65
CA ARG A 291 14.29 20.45 2.64
C ARG A 291 14.63 19.27 3.56
N ILE A 292 15.89 18.82 3.52
CA ILE A 292 16.36 17.71 4.35
C ILE A 292 16.38 18.07 5.83
N LEU A 293 16.98 19.21 6.17
CA LEU A 293 17.00 19.69 7.55
C LEU A 293 15.61 20.03 8.08
N ALA A 294 14.74 20.56 7.22
CA ALA A 294 13.36 20.87 7.63
C ALA A 294 12.60 19.62 8.05
N ALA A 295 12.85 18.51 7.37
CA ALA A 295 12.20 17.23 7.68
C ALA A 295 12.66 16.71 9.03
N TRP A 296 13.93 16.96 9.33
CA TRP A 296 14.56 16.61 10.59
C TRP A 296 13.97 17.43 11.73
N TYR A 297 13.82 18.73 11.51
CA TYR A 297 13.23 19.63 12.51
C TYR A 297 11.73 19.39 12.70
N LEU A 298 11.05 19.09 11.58
CA LEU A 298 9.61 18.81 11.57
C LEU A 298 9.24 17.63 12.47
N THR A 299 10.07 16.60 12.45
CA THR A 299 9.84 15.38 13.21
C THR A 299 10.46 15.43 14.60
N GLY A 300 11.07 16.56 14.93
CA GLY A 300 11.65 16.78 16.26
C GLY A 300 12.91 15.98 16.54
N GLN A 301 13.58 15.53 15.48
CA GLN A 301 14.75 14.68 15.62
C GLN A 301 15.99 15.48 16.04
N ASP A 302 15.86 16.81 16.03
CA ASP A 302 16.93 17.71 16.48
C ASP A 302 17.08 17.71 17.99
N GLN A 303 16.00 17.36 18.69
CA GLN A 303 16.00 17.34 20.16
C GLN A 303 16.89 16.21 20.67
N ALA A 304 17.59 16.49 21.76
CA ALA A 304 18.49 15.53 22.39
C ALA A 304 17.71 14.30 22.85
N GLY A 305 18.32 13.12 22.69
CA GLY A 305 17.76 11.90 23.26
C GLY A 305 17.16 10.91 22.28
N TYR A 306 17.41 11.10 21.00
CA TYR A 306 16.99 10.13 19.98
C TYR A 306 17.83 8.87 20.16
N PRO A 307 17.19 7.68 20.17
CA PRO A 307 17.92 6.45 20.38
C PRO A 307 18.99 6.24 19.31
N SER A 308 20.08 5.57 19.69
CA SER A 308 21.15 5.26 18.76
C SER A 308 20.73 4.07 17.90
N PHE A 309 21.36 3.93 16.75
CA PHE A 309 21.03 2.84 15.83
C PHE A 309 21.42 1.48 16.38
N ASN A 310 20.43 0.59 16.47
CA ASN A 310 20.66 -0.78 16.88
C ASN A 310 19.45 -1.63 16.51
N ILE A 311 19.65 -2.51 15.52
CA ILE A 311 18.57 -3.38 15.06
C ILE A 311 18.54 -4.75 15.74
N SER A 312 19.31 -4.88 16.82
CA SER A 312 19.25 -6.10 17.64
C SER A 312 18.28 -5.95 18.81
N ARG A 313 17.88 -4.70 19.09
CA ARG A 313 16.95 -4.40 20.17
C ARG A 313 15.59 -5.01 19.94
N ASN A 314 15.02 -5.59 21.00
CA ASN A 314 13.64 -6.08 20.97
C ASN A 314 12.70 -4.90 21.20
N VAL A 315 12.11 -4.43 20.12
CA VAL A 315 11.26 -3.24 20.13
C VAL A 315 9.78 -3.57 19.89
N GLN A 316 9.43 -4.84 20.00
CA GLN A 316 8.09 -5.33 19.64
C GLN A 316 6.99 -4.83 20.58
N GLY A 317 7.24 -4.84 21.88
CA GLY A 317 6.21 -4.58 22.86
C GLY A 317 4.99 -5.47 22.62
N ASN A 318 3.80 -4.87 22.63
CA ASN A 318 2.56 -5.57 22.34
CA ASN A 318 2.59 -5.61 22.30
C ASN A 318 2.00 -5.21 20.95
N HIS A 319 2.87 -4.74 20.06
CA HIS A 319 2.47 -4.33 18.70
C HIS A 319 1.82 -5.44 17.88
N LYS A 320 2.03 -6.70 18.25
CA LYS A 320 1.39 -7.84 17.57
C LYS A 320 -0.14 -7.73 17.52
N THR A 321 -0.72 -6.96 18.44
CA THR A 321 -2.17 -6.74 18.47
C THR A 321 -2.64 -6.10 17.16
N ASN A 322 -1.81 -5.22 16.60
CA ASN A 322 -2.13 -4.59 15.32
C ASN A 322 -2.06 -5.60 14.19
N VAL A 323 -1.00 -6.42 14.18
CA VAL A 323 -0.83 -7.43 13.14
C VAL A 323 -1.97 -8.45 13.19
N ARG A 324 -2.26 -8.94 14.40
CA ARG A 324 -3.40 -9.81 14.67
C ARG A 324 -4.70 -9.19 14.13
N ALA A 325 -4.96 -7.95 14.53
CA ALA A 325 -6.20 -7.25 14.14
C ALA A 325 -6.33 -7.10 12.63
N ILE A 326 -5.26 -6.68 11.96
CA ILE A 326 -5.32 -6.44 10.52
C ILE A 326 -5.32 -7.73 9.72
N ALA A 327 -4.48 -8.68 10.11
CA ALA A 327 -4.48 -10.02 9.52
C ALA A 327 -5.87 -10.65 9.61
N ARG A 328 -6.56 -10.37 10.72
CA ARG A 328 -7.90 -10.88 11.00
C ARG A 328 -8.96 -10.12 10.20
N ASP A 329 -8.97 -8.79 10.33
CA ASP A 329 -10.02 -7.95 9.75
C ASP A 329 -9.84 -7.69 8.26
N GLY A 330 -8.72 -8.12 7.71
CA GLY A 330 -8.40 -7.94 6.29
C GLY A 330 -8.74 -9.15 5.45
N ILE A 331 -9.03 -10.26 6.12
CA ILE A 331 -9.55 -11.46 5.46
C ILE A 331 -10.84 -11.12 4.75
N VAL A 332 -10.96 -11.55 3.49
CA VAL A 332 -12.16 -11.35 2.70
C VAL A 332 -12.83 -12.70 2.50
N LEU A 333 -14.04 -12.86 3.04
CA LEU A 333 -14.82 -14.05 2.78
C LEU A 333 -15.48 -13.87 1.43
N LEU A 334 -15.14 -14.76 0.48
CA LEU A 334 -15.58 -14.62 -0.91
C LEU A 334 -16.79 -15.50 -1.21
N LYS A 335 -16.80 -16.71 -0.64
CA LYS A 335 -17.88 -17.64 -0.83
C LYS A 335 -18.18 -18.34 0.48
N ASN A 336 -19.46 -18.42 0.84
CA ASN A 336 -19.88 -19.14 2.03
C ASN A 336 -21.23 -19.81 1.82
N ASP A 337 -21.24 -20.77 0.89
CA ASP A 337 -22.43 -21.53 0.57
C ASP A 337 -22.79 -22.48 1.70
N ALA A 338 -24.10 -22.71 1.86
CA ALA A 338 -24.65 -23.59 2.90
C ALA A 338 -24.23 -23.21 4.32
N ASN A 339 -23.68 -22.00 4.46
CA ASN A 339 -23.14 -21.51 5.72
C ASN A 339 -22.27 -22.54 6.46
N ILE A 340 -21.35 -23.16 5.71
CA ILE A 340 -20.35 -24.07 6.28
C ILE A 340 -19.45 -23.34 7.29
N LEU A 341 -19.26 -22.04 7.05
CA LEU A 341 -18.55 -21.17 7.98
C LEU A 341 -19.56 -20.27 8.72
N PRO A 342 -19.34 -20.02 10.02
CA PRO A 342 -18.21 -20.51 10.80
C PRO A 342 -18.36 -21.98 11.20
N LEU A 343 -17.22 -22.63 11.41
CA LEU A 343 -17.18 -24.01 11.85
C LEU A 343 -17.71 -24.11 13.27
N LYS A 344 -18.51 -25.13 13.52
CA LYS A 344 -19.07 -25.34 14.84
C LYS A 344 -18.28 -26.45 15.54
N LYS A 345 -18.83 -27.66 15.56
CA LYS A 345 -18.22 -28.74 16.31
C LYS A 345 -18.13 -30.00 15.42
N PRO A 346 -17.32 -29.94 14.35
CA PRO A 346 -17.21 -31.13 13.50
C PRO A 346 -16.38 -32.20 14.19
N ALA A 347 -16.65 -33.48 13.89
CA ALA A 347 -15.89 -34.58 14.49
C ALA A 347 -14.47 -34.65 13.94
N SER A 348 -14.30 -34.28 12.67
CA SER A 348 -12.99 -34.35 12.02
C SER A 348 -12.75 -33.22 11.00
N ILE A 349 -11.49 -32.80 10.93
CA ILE A 349 -11.05 -31.77 9.98
C ILE A 349 -9.82 -32.28 9.25
N ALA A 350 -9.81 -32.16 7.93
CA ALA A 350 -8.59 -32.36 7.15
C ALA A 350 -7.95 -31.00 6.82
N VAL A 351 -6.64 -30.92 7.01
CA VAL A 351 -5.88 -29.73 6.67
C VAL A 351 -4.88 -30.15 5.60
N VAL A 352 -4.95 -29.48 4.45
CA VAL A 352 -4.24 -29.94 3.25
C VAL A 352 -3.50 -28.79 2.58
N GLY A 353 -2.23 -29.00 2.28
CA GLY A 353 -1.42 -28.02 1.54
C GLY A 353 -0.14 -27.66 2.27
N SER A 354 0.94 -27.49 1.53
CA SER A 354 2.22 -27.09 2.12
C SER A 354 2.12 -25.72 2.79
N ALA A 355 1.22 -24.88 2.29
CA ALA A 355 1.00 -23.52 2.83
C ALA A 355 0.28 -23.51 4.19
N ALA A 356 -0.12 -24.69 4.67
CA ALA A 356 -0.72 -24.82 6.00
C ALA A 356 0.33 -24.79 7.12
N ILE A 357 1.56 -25.23 6.82
CA ILE A 357 2.60 -25.38 7.85
C ILE A 357 3.78 -24.41 7.75
N ILE A 358 4.61 -24.39 8.80
CA ILE A 358 5.86 -23.62 8.81
C ILE A 358 6.82 -24.15 7.75
N GLY A 359 7.34 -23.24 6.92
CA GLY A 359 8.34 -23.58 5.91
C GLY A 359 9.50 -22.59 5.97
N ASN A 360 10.29 -22.56 4.90
CA ASN A 360 11.47 -21.70 4.84
C ASN A 360 11.14 -20.21 4.81
N HIS A 361 9.93 -19.89 4.34
CA HIS A 361 9.43 -18.51 4.35
C HIS A 361 9.24 -17.97 5.76
N ALA A 362 8.54 -18.75 6.59
CA ALA A 362 8.27 -18.38 7.98
C ALA A 362 9.52 -18.40 8.86
N ARG A 363 10.48 -19.25 8.51
CA ARG A 363 11.67 -19.52 9.33
C ARG A 363 12.85 -18.52 9.20
N ASN A 364 12.76 -17.58 8.26
CA ASN A 364 13.90 -16.71 7.91
C ASN A 364 15.11 -17.53 7.44
N SER A 365 14.85 -18.45 6.51
CA SER A 365 15.84 -19.41 6.05
C SER A 365 16.89 -18.79 5.12
N PRO A 366 18.12 -19.32 5.13
CA PRO A 366 19.15 -18.96 4.15
C PRO A 366 18.71 -19.19 2.69
N SER A 367 17.69 -20.03 2.50
CA SER A 367 17.13 -20.26 1.18
C SER A 367 16.07 -19.22 0.82
N CYS A 368 15.78 -18.32 1.76
CA CYS A 368 14.69 -17.37 1.60
C CYS A 368 15.07 -15.96 2.03
N ASN A 369 16.22 -15.48 1.57
CA ASN A 369 16.62 -14.08 1.79
C ASN A 369 15.66 -13.11 1.11
N ASP A 370 15.39 -11.99 1.78
CA ASP A 370 14.41 -11.00 1.34
C ASP A 370 13.03 -11.62 1.12
N LYS A 371 12.78 -12.72 1.83
CA LYS A 371 11.58 -13.55 1.69
C LYS A 371 11.34 -14.01 0.25
N GLY A 372 12.43 -14.28 -0.47
CA GLY A 372 12.37 -14.74 -1.86
C GLY A 372 12.05 -16.22 -1.99
N CYS A 373 10.90 -16.61 -1.44
CA CYS A 373 10.39 -17.98 -1.54
C CYS A 373 8.95 -18.06 -1.06
N ASP A 374 8.22 -18.99 -1.64
CA ASP A 374 6.87 -19.32 -1.20
C ASP A 374 6.91 -20.76 -0.68
N ASP A 375 7.57 -20.94 0.45
CA ASP A 375 7.75 -22.28 1.02
C ASP A 375 7.06 -22.37 2.38
N GLY A 376 6.00 -23.18 2.44
CA GLY A 376 5.16 -23.24 3.61
C GLY A 376 4.30 -22.00 3.68
N ALA A 377 3.74 -21.72 4.86
CA ALA A 377 2.85 -20.58 5.05
C ALA A 377 3.47 -19.28 4.55
N LEU A 378 2.64 -18.51 3.83
CA LEU A 378 3.01 -17.23 3.23
C LEU A 378 2.45 -16.05 4.03
N GLY A 379 3.30 -15.06 4.31
CA GLY A 379 2.88 -13.89 5.07
C GLY A 379 3.07 -12.55 4.35
N MET A 380 3.83 -12.57 3.26
CA MET A 380 4.13 -11.37 2.47
C MET A 380 4.92 -11.73 1.22
N GLY A 381 5.06 -10.78 0.31
CA GLY A 381 5.87 -10.97 -0.89
C GLY A 381 7.35 -10.79 -0.62
N TRP A 382 8.15 -10.72 -1.69
CA TRP A 382 9.59 -10.65 -1.54
C TRP A 382 10.21 -9.31 -1.99
N GLY A 383 11.44 -9.08 -1.56
CA GLY A 383 12.20 -7.90 -1.97
C GLY A 383 12.57 -7.03 -0.79
N SER A 384 12.80 -5.76 -1.06
CA SER A 384 13.22 -4.79 -0.03
C SER A 384 12.12 -4.49 0.99
N GLY A 385 10.88 -4.81 0.65
CA GLY A 385 9.74 -4.54 1.51
C GLY A 385 9.36 -5.68 2.42
N ALA A 386 10.20 -6.72 2.43
CA ALA A 386 10.02 -7.87 3.33
C ALA A 386 10.94 -7.73 4.55
N VAL A 387 10.59 -8.39 5.65
CA VAL A 387 11.40 -8.37 6.87
C VAL A 387 11.49 -9.77 7.52
N ASN A 388 12.33 -9.89 8.54
CA ASN A 388 12.44 -11.10 9.33
C ASN A 388 11.23 -11.27 10.27
N TYR A 389 10.77 -12.52 10.40
CA TYR A 389 9.73 -12.86 11.36
C TYR A 389 10.33 -13.11 12.74
N PRO A 390 9.80 -12.44 13.77
CA PRO A 390 10.25 -12.77 15.12
C PRO A 390 9.64 -14.10 15.57
N TYR A 391 8.51 -14.44 14.98
CA TYR A 391 7.83 -15.72 15.15
C TYR A 391 6.85 -15.82 13.99
N PHE A 392 6.20 -16.97 13.85
CA PHE A 392 5.17 -17.14 12.83
C PHE A 392 4.18 -18.20 13.28
N VAL A 393 2.91 -17.82 13.34
CA VAL A 393 1.82 -18.73 13.71
C VAL A 393 1.22 -19.35 12.44
N ALA A 394 1.60 -20.60 12.16
CA ALA A 394 1.09 -21.32 10.99
C ALA A 394 -0.40 -21.66 11.13
N PRO A 395 -1.14 -21.62 10.01
CA PRO A 395 -2.55 -22.01 10.02
C PRO A 395 -2.78 -23.38 10.68
N TYR A 396 -1.98 -24.38 10.32
CA TYR A 396 -2.15 -25.74 10.87
C TYR A 396 -2.07 -25.80 12.39
N ASP A 397 -1.01 -25.22 12.94
CA ASP A 397 -0.75 -25.27 14.38
C ASP A 397 -1.90 -24.59 15.14
N ALA A 398 -2.38 -23.47 14.61
CA ALA A 398 -3.50 -22.76 15.20
C ALA A 398 -4.82 -23.52 15.05
N ILE A 399 -5.04 -24.11 13.88
CA ILE A 399 -6.26 -24.90 13.64
C ILE A 399 -6.28 -26.15 14.51
N ASN A 400 -5.13 -26.82 14.62
CA ASN A 400 -4.98 -28.02 15.45
C ASN A 400 -5.28 -27.76 16.93
N THR A 401 -4.75 -26.68 17.48
CA THR A 401 -5.01 -26.29 18.87
C THR A 401 -6.50 -26.02 19.13
N ARG A 402 -7.14 -25.27 18.24
CA ARG A 402 -8.55 -24.90 18.44
C ARG A 402 -9.48 -26.10 18.29
N ALA A 403 -9.19 -26.94 17.30
CA ALA A 403 -10.01 -28.12 17.05
C ALA A 403 -9.85 -29.19 18.12
N SER A 404 -8.61 -29.43 18.57
CA SER A 404 -8.33 -30.40 19.64
C SER A 404 -9.02 -30.02 20.95
N SER A 405 -9.17 -28.71 21.17
CA SER A 405 -9.80 -28.20 22.39
C SER A 405 -11.31 -28.48 22.46
N GLN A 406 -11.90 -28.86 21.33
CA GLN A 406 -13.33 -29.20 21.28
C GLN A 406 -13.59 -30.67 20.93
N GLY A 407 -12.53 -31.47 20.87
CA GLY A 407 -12.64 -32.89 20.56
C GLY A 407 -12.58 -33.24 19.08
N THR A 408 -12.31 -32.25 18.24
CA THR A 408 -12.20 -32.46 16.80
C THR A 408 -10.86 -33.08 16.42
N GLN A 409 -10.92 -34.20 15.70
CA GLN A 409 -9.75 -34.89 15.18
C GLN A 409 -9.23 -34.18 13.92
N VAL A 410 -7.92 -33.93 13.86
CA VAL A 410 -7.31 -33.22 12.73
C VAL A 410 -6.38 -34.14 11.96
N THR A 411 -6.60 -34.25 10.66
CA THR A 411 -5.68 -34.99 9.79
C THR A 411 -4.95 -34.05 8.85
N LEU A 412 -3.61 -34.13 8.88
CA LEU A 412 -2.76 -33.24 8.11
C LEU A 412 -2.09 -33.92 6.92
N SER A 413 -2.24 -33.31 5.75
CA SER A 413 -1.44 -33.63 4.58
C SER A 413 -0.63 -32.37 4.25
N ASN A 414 0.61 -32.34 4.73
CA ASN A 414 1.39 -31.10 4.73
C ASN A 414 2.23 -30.80 3.50
N THR A 415 1.94 -31.49 2.40
CA THR A 415 2.56 -31.18 1.10
C THR A 415 1.46 -30.78 0.11
N ASP A 416 1.83 -30.59 -1.14
CA ASP A 416 0.86 -30.28 -2.19
C ASP A 416 0.59 -31.50 -3.09
N ASN A 417 0.90 -32.69 -2.57
CA ASN A 417 0.59 -33.94 -3.25
C ASN A 417 -0.92 -34.16 -3.31
N THR A 418 -1.43 -34.29 -4.53
CA THR A 418 -2.87 -34.41 -4.80
C THR A 418 -3.46 -35.68 -4.18
N SER A 419 -2.72 -36.77 -4.26
CA SER A 419 -3.16 -38.06 -3.75
C SER A 419 -3.13 -38.09 -2.21
N SER A 420 -2.11 -37.47 -1.63
CA SER A 420 -2.02 -37.32 -0.17
C SER A 420 -3.16 -36.46 0.35
N GLY A 421 -3.44 -35.35 -0.34
CA GLY A 421 -4.56 -34.47 0.00
C GLY A 421 -5.91 -35.17 -0.06
N ALA A 422 -6.08 -36.03 -1.07
CA ALA A 422 -7.29 -36.83 -1.19
C ALA A 422 -7.44 -37.80 -0.02
N SER A 423 -6.37 -38.52 0.29
CA SER A 423 -6.35 -39.48 1.41
C SER A 423 -6.68 -38.80 2.73
N ALA A 424 -6.09 -37.63 2.97
CA ALA A 424 -6.35 -36.86 4.17
C ALA A 424 -7.80 -36.40 4.27
N ALA A 425 -8.38 -35.96 3.16
CA ALA A 425 -9.74 -35.41 3.13
C ALA A 425 -10.86 -36.46 3.16
N ARG A 426 -10.54 -37.68 2.72
CA ARG A 426 -11.56 -38.75 2.61
C ARG A 426 -12.20 -39.08 3.96
N GLY A 427 -13.54 -39.06 4.00
CA GLY A 427 -14.30 -39.44 5.19
C GLY A 427 -14.40 -38.38 6.27
N LYS A 428 -13.82 -37.20 6.03
CA LYS A 428 -13.85 -36.11 7.01
C LYS A 428 -15.05 -35.20 6.84
N ASP A 429 -15.48 -34.57 7.94
CA ASP A 429 -16.63 -33.65 7.92
C ASP A 429 -16.37 -32.44 7.04
N VAL A 430 -15.21 -31.81 7.22
CA VAL A 430 -14.76 -30.72 6.34
C VAL A 430 -13.28 -30.88 5.99
N ALA A 431 -12.90 -30.31 4.86
CA ALA A 431 -11.51 -30.30 4.42
C ALA A 431 -11.11 -28.87 4.09
N ILE A 432 -10.03 -28.40 4.71
CA ILE A 432 -9.53 -27.05 4.51
C ILE A 432 -8.25 -27.11 3.69
N VAL A 433 -8.30 -26.58 2.46
CA VAL A 433 -7.17 -26.62 1.53
C VAL A 433 -6.48 -25.27 1.44
N PHE A 434 -5.16 -25.28 1.52
CA PHE A 434 -4.34 -24.06 1.55
C PHE A 434 -3.54 -23.87 0.28
N ILE A 435 -3.85 -22.78 -0.42
CA ILE A 435 -3.17 -22.45 -1.67
C ILE A 435 -2.62 -21.03 -1.61
N THR A 436 -1.64 -20.73 -2.48
CA THR A 436 -0.97 -19.44 -2.48
C THR A 436 -0.63 -18.95 -3.89
N ALA A 437 -0.35 -17.65 -3.98
CA ALA A 437 0.40 -17.07 -5.07
C ALA A 437 1.32 -16.00 -4.49
N ASP A 438 2.51 -15.87 -5.06
CA ASP A 438 3.55 -14.99 -4.52
C ASP A 438 4.09 -14.11 -5.64
N SER A 439 4.72 -13.00 -5.26
CA SER A 439 5.43 -12.10 -6.18
C SER A 439 6.31 -11.15 -5.37
N GLY A 440 7.17 -10.39 -6.05
CA GLY A 440 8.01 -9.42 -5.35
C GLY A 440 8.83 -8.51 -6.24
N GLU A 441 9.86 -7.91 -5.65
CA GLU A 441 10.73 -6.97 -6.33
C GLU A 441 11.59 -7.67 -7.39
N GLY A 442 11.86 -6.95 -8.47
CA GLY A 442 12.37 -7.57 -9.69
C GLY A 442 13.84 -7.93 -9.75
N TYR A 443 14.48 -8.09 -8.61
CA TYR A 443 15.85 -8.60 -8.55
C TYR A 443 15.93 -10.04 -8.05
N ILE A 444 14.76 -10.64 -7.81
CA ILE A 444 14.70 -12.06 -7.43
C ILE A 444 13.69 -12.79 -8.29
N THR A 445 14.16 -13.87 -8.93
CA THR A 445 13.31 -14.80 -9.65
C THR A 445 13.03 -16.00 -8.75
N VAL A 446 11.75 -16.19 -8.41
CA VAL A 446 11.33 -17.26 -7.51
C VAL A 446 10.40 -18.20 -8.25
N GLU A 447 10.80 -19.46 -8.37
CA GLU A 447 10.07 -20.48 -9.11
C GLU A 447 9.68 -20.00 -10.51
N GLY A 448 10.63 -19.38 -11.20
CA GLY A 448 10.43 -18.90 -12.57
C GLY A 448 9.65 -17.60 -12.70
N ASN A 449 9.34 -16.96 -11.57
CA ASN A 449 8.67 -15.65 -11.56
C ASN A 449 9.67 -14.52 -11.28
N ALA A 450 9.88 -13.68 -12.29
CA ALA A 450 10.95 -12.67 -12.25
C ALA A 450 10.69 -11.46 -11.34
N GLY A 451 9.60 -11.52 -10.57
CA GLY A 451 9.20 -10.41 -9.71
C GLY A 451 7.72 -10.25 -9.87
N ASP A 452 7.32 -9.75 -11.05
CA ASP A 452 5.94 -9.85 -11.50
C ASP A 452 5.58 -11.34 -11.65
N ARG A 453 4.30 -11.65 -11.56
CA ARG A 453 3.83 -13.03 -11.75
C ARG A 453 3.70 -13.36 -13.25
N ASN A 454 4.03 -14.60 -13.59
CA ASN A 454 3.84 -15.12 -14.94
C ASN A 454 2.37 -15.32 -15.29
N ASN A 455 1.57 -15.66 -14.30
CA ASN A 455 0.14 -15.90 -14.51
C ASN A 455 -0.65 -15.65 -13.25
N LEU A 456 -1.97 -15.78 -13.36
CA LEU A 456 -2.86 -15.56 -12.23
C LEU A 456 -3.40 -16.89 -11.65
N ASP A 457 -2.62 -17.94 -11.82
CA ASP A 457 -2.94 -19.27 -11.26
C ASP A 457 -2.31 -19.45 -9.89
N PRO A 458 -2.93 -20.31 -9.05
CA PRO A 458 -2.29 -20.67 -7.78
C PRO A 458 -0.94 -21.34 -8.05
N TRP A 459 0.04 -21.06 -7.19
CA TRP A 459 1.34 -21.70 -7.24
C TRP A 459 1.22 -23.15 -6.77
N HIS A 460 2.29 -23.92 -6.97
CA HIS A 460 2.39 -25.29 -6.45
C HIS A 460 1.21 -26.18 -6.79
N ASN A 461 0.68 -26.02 -8.01
CA ASN A 461 -0.39 -26.88 -8.51
C ASN A 461 -1.66 -26.80 -7.66
N GLY A 462 -1.92 -25.62 -7.09
CA GLY A 462 -3.05 -25.39 -6.19
C GLY A 462 -4.40 -25.77 -6.77
N ASN A 463 -4.61 -25.48 -8.05
CA ASN A 463 -5.87 -25.82 -8.71
C ASN A 463 -6.12 -27.33 -8.71
N ALA A 464 -5.09 -28.10 -9.05
CA ALA A 464 -5.18 -29.57 -9.07
C ALA A 464 -5.27 -30.15 -7.65
N LEU A 465 -4.66 -29.45 -6.69
CA LEU A 465 -4.77 -29.86 -5.29
C LEU A 465 -6.21 -29.74 -4.80
N VAL A 466 -6.87 -28.64 -5.13
CA VAL A 466 -8.27 -28.41 -4.75
C VAL A 466 -9.20 -29.41 -5.45
N GLN A 467 -8.93 -29.66 -6.73
CA GLN A 467 -9.68 -30.64 -7.53
C GLN A 467 -9.60 -32.06 -6.95
N ALA A 468 -8.43 -32.45 -6.46
CA ALA A 468 -8.22 -33.77 -5.86
C ALA A 468 -8.98 -33.91 -4.54
N VAL A 469 -8.90 -32.87 -3.70
CA VAL A 469 -9.61 -32.85 -2.42
C VAL A 469 -11.13 -32.89 -2.65
N ALA A 470 -11.61 -32.20 -3.70
CA ALA A 470 -13.03 -32.21 -4.05
C ALA A 470 -13.50 -33.58 -4.53
N GLY A 471 -12.58 -34.36 -5.12
CA GLY A 471 -12.87 -35.74 -5.49
C GLY A 471 -13.07 -36.67 -4.29
N ALA A 472 -12.55 -36.26 -3.14
CA ALA A 472 -12.60 -37.08 -1.93
C ALA A 472 -13.46 -36.52 -0.79
N ASN A 473 -14.00 -35.31 -0.97
CA ASN A 473 -14.76 -34.65 0.10
C ASN A 473 -15.81 -33.67 -0.44
N SER A 474 -17.02 -33.76 0.12
CA SER A 474 -18.14 -32.90 -0.28
C SER A 474 -18.09 -31.47 0.27
N ASN A 475 -17.31 -31.28 1.33
CA ASN A 475 -17.32 -30.03 2.08
C ASN A 475 -15.94 -29.38 2.17
N VAL A 476 -15.53 -28.74 1.09
CA VAL A 476 -14.19 -28.19 0.96
C VAL A 476 -14.19 -26.69 1.25
N ILE A 477 -13.26 -26.26 2.09
CA ILE A 477 -13.01 -24.86 2.35
C ILE A 477 -11.64 -24.52 1.78
N VAL A 478 -11.61 -23.55 0.89
CA VAL A 478 -10.35 -23.12 0.25
C VAL A 478 -9.86 -21.84 0.90
N VAL A 479 -8.66 -21.91 1.48
CA VAL A 479 -8.03 -20.75 2.07
C VAL A 479 -6.87 -20.33 1.16
N VAL A 480 -6.92 -19.07 0.75
CA VAL A 480 -5.94 -18.52 -0.18
C VAL A 480 -5.11 -17.42 0.50
N HIS A 481 -3.79 -17.56 0.44
CA HIS A 481 -2.89 -16.49 0.84
C HIS A 481 -2.15 -15.99 -0.40
N SER A 482 -2.33 -14.72 -0.73
CA SER A 482 -1.89 -14.23 -2.02
C SER A 482 -1.54 -12.74 -2.08
N VAL A 483 -0.50 -12.44 -2.87
CA VAL A 483 -0.05 -11.09 -3.17
C VAL A 483 -1.01 -10.31 -4.06
N GLY A 484 -2.01 -11.00 -4.62
CA GLY A 484 -2.96 -10.38 -5.55
C GLY A 484 -3.95 -11.35 -6.14
N ALA A 485 -4.79 -10.84 -7.05
CA ALA A 485 -5.84 -11.62 -7.69
C ALA A 485 -5.36 -12.93 -8.30
N ILE A 486 -6.17 -13.96 -8.09
CA ILE A 486 -5.98 -15.28 -8.69
C ILE A 486 -7.31 -15.59 -9.37
N ILE A 487 -7.26 -16.17 -10.56
CA ILE A 487 -8.48 -16.63 -11.21
C ILE A 487 -8.98 -17.89 -10.48
N LEU A 488 -10.19 -17.80 -9.93
CA LEU A 488 -10.70 -18.84 -9.04
C LEU A 488 -11.75 -19.73 -9.71
N GLU A 489 -11.92 -19.55 -11.01
CA GLU A 489 -12.99 -20.21 -11.77
C GLU A 489 -12.93 -21.74 -11.81
N GLN A 490 -11.72 -22.29 -11.82
CA GLN A 490 -11.52 -23.74 -11.74
C GLN A 490 -11.96 -24.28 -10.37
N ILE A 491 -11.62 -23.52 -9.32
CA ILE A 491 -11.98 -23.90 -7.97
C ILE A 491 -13.48 -23.74 -7.73
N LEU A 492 -14.05 -22.67 -8.28
CA LEU A 492 -15.46 -22.36 -8.07
C LEU A 492 -16.41 -23.28 -8.83
N ALA A 493 -15.91 -23.90 -9.90
CA ALA A 493 -16.68 -24.82 -10.72
C ALA A 493 -16.90 -26.17 -10.01
N LEU A 494 -16.13 -26.42 -8.96
CA LEU A 494 -16.26 -27.63 -8.16
C LEU A 494 -17.37 -27.46 -7.14
N PRO A 495 -18.46 -28.22 -7.27
CA PRO A 495 -19.61 -28.10 -6.37
C PRO A 495 -19.28 -28.41 -4.90
N GLN A 496 -18.18 -29.14 -4.69
CA GLN A 496 -17.72 -29.52 -3.36
C GLN A 496 -17.08 -28.37 -2.58
N VAL A 497 -16.53 -27.39 -3.31
CA VAL A 497 -15.98 -26.18 -2.70
C VAL A 497 -17.12 -25.31 -2.20
N LYS A 498 -17.31 -25.29 -0.88
CA LYS A 498 -18.43 -24.58 -0.26
C LYS A 498 -18.03 -23.21 0.27
N ALA A 499 -16.77 -23.06 0.66
CA ALA A 499 -16.26 -21.79 1.16
C ALA A 499 -14.92 -21.41 0.56
N VAL A 500 -14.76 -20.13 0.25
CA VAL A 500 -13.49 -19.57 -0.22
C VAL A 500 -13.10 -18.39 0.68
N VAL A 501 -11.95 -18.54 1.34
CA VAL A 501 -11.43 -17.55 2.27
C VAL A 501 -10.22 -16.87 1.65
N TRP A 502 -10.43 -15.63 1.18
CA TRP A 502 -9.33 -14.81 0.68
C TRP A 502 -8.63 -14.19 1.89
N ALA A 503 -7.61 -14.89 2.38
CA ALA A 503 -6.96 -14.51 3.64
C ALA A 503 -5.91 -13.41 3.47
N GLY A 504 -5.47 -13.19 2.23
CA GLY A 504 -4.51 -12.13 1.94
C GLY A 504 -3.10 -12.39 2.43
N LEU A 505 -2.46 -11.38 3.00
CA LEU A 505 -1.09 -11.50 3.47
C LEU A 505 -0.99 -11.08 4.94
N PRO A 506 -1.06 -12.08 5.84
CA PRO A 506 -1.26 -11.85 7.27
C PRO A 506 0.00 -11.65 8.11
N SER A 507 1.16 -11.85 7.51
CA SER A 507 2.44 -11.84 8.25
C SER A 507 2.43 -12.86 9.40
N GLN A 508 3.09 -12.51 10.51
CA GLN A 508 3.35 -13.43 11.63
C GLN A 508 2.12 -13.99 12.35
N GLU A 509 0.98 -13.32 12.20
CA GLU A 509 -0.24 -13.73 12.91
C GLU A 509 -1.20 -14.55 12.05
N SER A 510 -0.69 -15.09 10.94
CA SER A 510 -1.48 -15.88 10.00
C SER A 510 -2.52 -16.80 10.65
N GLY A 511 -2.05 -17.76 11.43
CA GLY A 511 -2.91 -18.81 12.00
C GLY A 511 -3.97 -18.33 12.98
N ASN A 512 -3.57 -17.43 13.88
CA ASN A 512 -4.50 -16.88 14.87
C ASN A 512 -5.63 -16.11 14.20
N ALA A 513 -5.27 -15.25 13.26
CA ALA A 513 -6.23 -14.47 12.49
C ALA A 513 -7.26 -15.34 11.77
N LEU A 514 -6.79 -16.43 11.16
CA LEU A 514 -7.66 -17.32 10.38
C LEU A 514 -8.64 -18.06 11.29
N VAL A 515 -8.16 -18.57 12.41
CA VAL A 515 -8.99 -19.25 13.40
C VAL A 515 -10.09 -18.33 13.95
N ASP A 516 -9.73 -17.07 14.25
CA ASP A 516 -10.70 -16.06 14.70
C ASP A 516 -11.90 -16.02 13.75
N VAL A 517 -11.61 -16.09 12.46
CA VAL A 517 -12.64 -16.03 11.42
C VAL A 517 -13.30 -17.41 11.20
N LEU A 518 -12.49 -18.44 11.02
CA LEU A 518 -12.99 -19.80 10.73
C LEU A 518 -13.97 -20.32 11.77
N TRP A 519 -13.67 -20.08 13.05
CA TRP A 519 -14.54 -20.51 14.14
C TRP A 519 -15.58 -19.46 14.55
N GLY A 520 -15.54 -18.30 13.90
CA GLY A 520 -16.52 -17.25 14.10
C GLY A 520 -16.44 -16.49 15.41
N ASP A 521 -15.26 -16.46 16.02
CA ASP A 521 -15.00 -15.57 17.16
C ASP A 521 -15.22 -14.12 16.73
N VAL A 522 -14.81 -13.81 15.49
CA VAL A 522 -15.23 -12.58 14.83
C VAL A 522 -15.81 -12.94 13.46
N SER A 523 -16.72 -12.11 12.97
CA SER A 523 -17.18 -12.24 11.60
C SER A 523 -16.14 -11.61 10.67
N PRO A 524 -15.89 -12.26 9.50
CA PRO A 524 -15.03 -11.63 8.51
C PRO A 524 -15.64 -10.30 8.07
N SER A 525 -14.79 -9.31 7.81
CA SER A 525 -15.26 -7.96 7.53
C SER A 525 -14.38 -7.23 6.51
N GLY A 526 -13.38 -7.93 5.99
CA GLY A 526 -12.52 -7.38 4.94
C GLY A 526 -13.24 -7.36 3.61
N LYS A 527 -12.83 -6.44 2.75
CA LYS A 527 -13.42 -6.32 1.42
C LYS A 527 -12.29 -6.08 0.43
N LEU A 528 -12.45 -6.63 -0.79
CA LEU A 528 -11.37 -6.60 -1.79
C LEU A 528 -10.94 -5.18 -2.14
N VAL A 529 -9.64 -5.03 -2.38
CA VAL A 529 -9.06 -3.75 -2.79
C VAL A 529 -8.54 -3.87 -4.23
N TYR A 530 -8.89 -4.97 -4.88
CA TYR A 530 -8.70 -5.16 -6.31
C TYR A 530 -9.80 -6.06 -6.86
N THR A 531 -9.92 -6.11 -8.19
CA THR A 531 -10.93 -6.92 -8.87
C THR A 531 -10.41 -8.33 -9.15
N ILE A 532 -11.22 -9.33 -8.82
CA ILE A 532 -10.93 -10.72 -9.21
C ILE A 532 -11.86 -11.07 -10.37
N ALA A 533 -11.26 -11.17 -11.55
CA ALA A 533 -12.01 -11.39 -12.78
C ALA A 533 -12.36 -12.87 -12.97
N LYS A 534 -13.21 -13.14 -13.96
CA LYS A 534 -13.51 -14.51 -14.38
C LYS A 534 -12.49 -15.04 -15.37
N SER A 535 -11.71 -14.12 -15.97
CA SER A 535 -10.74 -14.47 -17.00
C SER A 535 -9.52 -13.53 -16.94
N PRO A 536 -8.32 -14.04 -17.24
CA PRO A 536 -7.15 -13.16 -17.32
C PRO A 536 -7.31 -12.09 -18.39
N ASN A 537 -8.11 -12.41 -19.42
CA ASN A 537 -8.30 -11.51 -20.56
C ASN A 537 -9.27 -10.37 -20.27
N ASP A 538 -9.90 -10.40 -19.09
CA ASP A 538 -10.80 -9.31 -18.68
C ASP A 538 -10.05 -8.08 -18.17
N TYR A 539 -8.80 -8.27 -17.72
CA TYR A 539 -7.94 -7.16 -17.35
C TYR A 539 -7.43 -6.45 -18.60
N ASN A 540 -7.37 -5.13 -18.53
CA ASN A 540 -7.01 -4.32 -19.70
C ASN A 540 -5.54 -3.90 -19.77
N THR A 541 -4.73 -4.38 -18.83
CA THR A 541 -3.29 -4.14 -18.86
C THR A 541 -2.48 -5.43 -18.68
N ARG A 542 -1.25 -5.41 -19.18
CA ARG A 542 -0.33 -6.55 -19.06
C ARG A 542 1.04 -6.04 -18.67
N ILE A 543 1.88 -6.92 -18.13
CA ILE A 543 3.30 -6.62 -17.96
C ILE A 543 3.93 -6.40 -19.35
N VAL A 544 4.46 -5.20 -19.57
CA VAL A 544 4.99 -4.81 -20.88
C VAL A 544 6.43 -5.30 -21.07
N SER A 545 6.70 -5.93 -22.22
CA SER A 545 8.03 -6.45 -22.55
C SER A 545 8.91 -5.46 -23.32
N GLY A 546 8.29 -4.46 -23.93
CA GLY A 546 9.02 -3.45 -24.70
C GLY A 546 9.57 -2.30 -23.89
N GLY A 547 10.15 -1.32 -24.58
CA GLY A 547 10.75 -0.15 -23.92
C GLY A 547 9.74 0.91 -23.46
N SER A 548 8.48 0.75 -23.86
CA SER A 548 7.45 1.74 -23.52
C SER A 548 6.11 1.15 -23.11
N ASP A 549 5.51 1.74 -22.08
CA ASP A 549 4.11 1.52 -21.76
C ASP A 549 3.38 2.84 -21.95
N SER A 550 2.49 2.87 -22.92
CA SER A 550 1.81 4.10 -23.28
C SER A 550 0.67 4.47 -22.31
N PHE A 551 0.39 3.56 -21.37
CA PHE A 551 -0.72 3.74 -20.44
C PHE A 551 -1.98 4.17 -21.20
N SER A 552 -2.24 3.50 -22.32
CA SER A 552 -3.33 3.86 -23.21
C SER A 552 -4.71 3.71 -22.55
N GLU A 553 -4.80 2.89 -21.50
CA GLU A 553 -6.04 2.73 -20.74
C GLU A 553 -6.42 3.99 -19.97
N GLY A 554 -5.44 4.85 -19.71
CA GLY A 554 -5.67 6.13 -19.03
C GLY A 554 -6.25 5.96 -17.63
N LEU A 555 -7.37 6.61 -17.39
CA LEU A 555 -8.01 6.60 -16.06
C LEU A 555 -8.73 5.29 -15.72
N PHE A 556 -8.87 4.41 -16.71
CA PHE A 556 -9.71 3.22 -16.58
C PHE A 556 -8.89 1.98 -16.22
N ILE A 557 -8.52 1.87 -14.95
CA ILE A 557 -7.83 0.69 -14.42
C ILE A 557 -8.74 -0.10 -13.48
N ASP A 558 -8.46 -1.40 -13.36
CA ASP A 558 -9.19 -2.30 -12.46
C ASP A 558 -10.71 -2.13 -12.61
N TYR A 559 -11.41 -1.85 -11.52
CA TYR A 559 -12.89 -1.81 -11.52
C TYR A 559 -13.47 -0.76 -12.47
N LYS A 560 -12.71 0.29 -12.74
CA LYS A 560 -13.14 1.34 -13.67
C LYS A 560 -13.19 0.81 -15.10
N HIS A 561 -12.26 -0.08 -15.45
CA HIS A 561 -12.29 -0.76 -16.74
C HIS A 561 -13.46 -1.74 -16.83
N PHE A 562 -13.69 -2.50 -15.75
CA PHE A 562 -14.75 -3.48 -15.70
C PHE A 562 -16.13 -2.85 -15.81
N ASP A 563 -16.30 -1.69 -15.19
CA ASP A 563 -17.55 -0.94 -15.27
C ASP A 563 -17.76 -0.32 -16.65
N ASP A 564 -16.72 0.31 -17.19
CA ASP A 564 -16.75 0.92 -18.52
C ASP A 564 -16.97 -0.10 -19.66
N ALA A 565 -16.27 -1.23 -19.59
CA ALA A 565 -16.36 -2.24 -20.65
C ALA A 565 -17.51 -3.23 -20.44
N ASN A 566 -18.34 -2.96 -19.44
CA ASN A 566 -19.49 -3.82 -19.10
C ASN A 566 -19.10 -5.28 -18.89
N ILE A 567 -18.03 -5.48 -18.12
CA ILE A 567 -17.55 -6.83 -17.82
C ILE A 567 -17.92 -7.18 -16.38
N THR A 568 -18.53 -8.34 -16.21
CA THR A 568 -18.85 -8.84 -14.88
C THR A 568 -17.65 -9.57 -14.29
N PRO A 569 -17.08 -9.04 -13.19
CA PRO A 569 -16.01 -9.78 -12.55
C PRO A 569 -16.59 -10.93 -11.73
N ARG A 570 -15.75 -11.86 -11.31
CA ARG A 570 -16.19 -12.88 -10.36
C ARG A 570 -16.48 -12.18 -9.04
N TYR A 571 -15.47 -11.48 -8.52
CA TYR A 571 -15.60 -10.70 -7.30
C TYR A 571 -15.09 -9.29 -7.53
N GLU A 572 -16.00 -8.32 -7.41
CA GLU A 572 -15.71 -6.92 -7.71
C GLU A 572 -14.92 -6.21 -6.61
N PHE A 573 -14.31 -5.09 -6.96
CA PHE A 573 -13.66 -4.19 -6.01
C PHE A 573 -14.66 -3.82 -4.91
N GLY A 574 -14.24 -3.93 -3.66
CA GLY A 574 -15.08 -3.61 -2.52
C GLY A 574 -16.03 -4.73 -2.08
N TYR A 575 -15.86 -5.92 -2.66
CA TYR A 575 -16.68 -7.09 -2.31
C TYR A 575 -16.13 -7.84 -1.11
N GLY A 576 -17.03 -8.28 -0.23
CA GLY A 576 -16.68 -9.10 0.92
C GLY A 576 -17.94 -9.59 1.59
N LEU A 577 -17.97 -10.87 1.93
CA LEU A 577 -19.10 -11.45 2.65
C LEU A 577 -18.89 -11.34 4.15
N SER A 578 -19.98 -11.53 4.89
CA SER A 578 -20.00 -11.48 6.34
C SER A 578 -20.78 -12.71 6.82
N TYR A 579 -20.73 -12.97 8.13
CA TYR A 579 -21.58 -14.00 8.73
C TYR A 579 -22.97 -13.47 9.05
N THR A 580 -23.19 -12.19 8.74
CA THR A 580 -24.49 -11.56 8.93
C THR A 580 -24.85 -10.69 7.72
N LYS A 581 -26.00 -10.03 7.78
CA LYS A 581 -26.44 -9.12 6.71
C LYS A 581 -26.64 -7.70 7.25
N PHE A 582 -26.54 -6.71 6.38
CA PHE A 582 -26.69 -5.32 6.77
C PHE A 582 -27.64 -4.63 5.78
N ASN A 583 -28.52 -3.76 6.29
CA ASN A 583 -29.22 -2.88 5.35
C ASN A 583 -29.04 -1.38 5.53
N TYR A 584 -29.05 -0.71 4.39
CA TYR A 584 -28.77 0.72 4.30
C TYR A 584 -30.07 1.48 4.17
N SER A 585 -30.17 2.60 4.87
CA SER A 585 -31.35 3.46 4.74
C SER A 585 -30.98 4.91 4.99
N ARG A 586 -31.89 5.80 4.63
CA ARG A 586 -31.82 7.21 5.02
C ARG A 586 -30.59 7.90 4.45
N LEU A 587 -30.46 7.90 3.13
CA LEU A 587 -29.36 8.58 2.45
C LEU A 587 -29.62 10.08 2.41
N SER A 588 -28.69 10.86 2.97
CA SER A 588 -28.76 12.31 2.92
C SER A 588 -27.45 12.90 2.38
N VAL A 589 -27.57 14.02 1.66
CA VAL A 589 -26.43 14.70 1.05
C VAL A 589 -26.50 16.17 1.44
N LEU A 590 -25.48 16.63 2.16
CA LEU A 590 -25.35 18.04 2.54
C LEU A 590 -24.16 18.62 1.79
N SER A 591 -24.38 19.72 1.07
CA SER A 591 -23.36 20.23 0.17
C SER A 591 -23.41 21.75 0.01
N THR A 592 -22.22 22.36 0.03
CA THR A 592 -22.05 23.78 -0.29
C THR A 592 -21.04 23.93 -1.43
N ALA A 593 -20.72 22.82 -2.09
CA ALA A 593 -19.69 22.79 -3.12
C ALA A 593 -20.01 23.70 -4.30
N LYS A 594 -19.03 24.52 -4.67
CA LYS A 594 -19.15 25.44 -5.82
C LYS A 594 -18.22 25.01 -6.96
N SER A 595 -18.63 25.28 -8.19
CA SER A 595 -17.88 24.86 -9.37
C SER A 595 -16.64 25.70 -9.66
N GLY A 596 -15.81 25.20 -10.57
CA GLY A 596 -14.67 25.96 -11.08
C GLY A 596 -13.34 25.42 -10.60
N PRO A 597 -12.24 26.11 -10.96
CA PRO A 597 -10.93 25.70 -10.45
C PRO A 597 -10.81 25.90 -8.94
N ALA A 598 -9.91 25.15 -8.32
CA ALA A 598 -9.51 25.42 -6.94
C ALA A 598 -8.88 26.80 -6.92
N THR A 599 -9.09 27.55 -5.84
CA THR A 599 -8.63 28.96 -5.79
C THR A 599 -7.65 29.29 -4.65
N GLY A 600 -7.50 28.39 -3.68
CA GLY A 600 -6.60 28.63 -2.55
C GLY A 600 -5.14 28.67 -2.97
N ALA A 601 -4.31 29.34 -2.18
CA ALA A 601 -2.87 29.39 -2.46
C ALA A 601 -2.29 28.00 -2.25
N VAL A 602 -1.26 27.65 -3.02
CA VAL A 602 -0.67 26.32 -2.94
C VAL A 602 0.02 26.11 -1.58
N VAL A 603 -0.47 25.09 -0.86
CA VAL A 603 0.13 24.62 0.38
C VAL A 603 0.44 23.13 0.16
N PRO A 604 0.98 22.43 1.18
CA PRO A 604 1.19 20.99 0.99
C PRO A 604 -0.12 20.27 0.66
N GLY A 605 -0.12 19.57 -0.47
CA GLY A 605 -1.31 18.90 -0.98
C GLY A 605 -1.86 19.58 -2.23
N GLY A 606 -1.50 20.84 -2.42
CA GLY A 606 -2.01 21.63 -3.53
C GLY A 606 -2.73 22.87 -3.01
N PRO A 607 -3.43 23.58 -3.89
CA PRO A 607 -4.28 24.70 -3.45
C PRO A 607 -5.03 24.36 -2.16
N SER A 608 -4.99 25.29 -1.22
CA SER A 608 -5.45 25.07 0.15
C SER A 608 -6.88 24.57 0.30
N ASP A 609 -7.73 24.84 -0.70
CA ASP A 609 -9.13 24.42 -0.64
C ASP A 609 -9.37 22.95 -1.03
N LEU A 610 -8.38 22.35 -1.69
CA LEU A 610 -8.54 21.00 -2.26
C LEU A 610 -8.80 19.88 -1.26
N PHE A 611 -8.22 19.97 -0.07
CA PHE A 611 -8.43 18.95 0.95
C PHE A 611 -9.47 19.39 1.99
N GLN A 612 -10.06 20.55 1.78
CA GLN A 612 -11.11 21.05 2.68
C GLN A 612 -12.47 20.47 2.29
N ASN A 613 -13.29 20.20 3.30
CA ASN A 613 -14.60 19.61 3.11
C ASN A 613 -15.61 20.56 2.50
N VAL A 614 -16.33 20.08 1.50
CA VAL A 614 -17.37 20.87 0.83
C VAL A 614 -18.74 20.20 0.91
N ALA A 615 -18.75 18.92 1.30
CA ALA A 615 -19.99 18.13 1.37
C ALA A 615 -19.89 16.97 2.36
N THR A 616 -21.07 16.46 2.74
CA THR A 616 -21.18 15.35 3.70
C THR A 616 -22.31 14.43 3.26
N VAL A 617 -21.97 13.15 3.08
CA VAL A 617 -22.96 12.13 2.74
C VAL A 617 -23.10 11.15 3.90
N THR A 618 -24.35 10.89 4.29
CA THR A 618 -24.67 10.07 5.45
C THR A 618 -25.66 8.95 5.09
N VAL A 619 -25.42 7.76 5.64
CA VAL A 619 -26.37 6.64 5.55
C VAL A 619 -26.44 5.93 6.90
N ASP A 620 -27.56 5.26 7.15
CA ASP A 620 -27.72 4.41 8.33
C ASP A 620 -27.45 2.97 7.94
N ILE A 621 -26.77 2.25 8.82
CA ILE A 621 -26.52 0.83 8.61
C ILE A 621 -26.98 0.05 9.83
N ALA A 622 -27.85 -0.93 9.59
CA ALA A 622 -28.34 -1.82 10.65
C ALA A 622 -27.94 -3.26 10.36
N ASN A 623 -27.55 -3.97 11.42
CA ASN A 623 -27.30 -5.41 11.33
C ASN A 623 -28.64 -6.13 11.43
N SER A 624 -29.12 -6.63 10.30
CA SER A 624 -30.42 -7.29 10.23
C SER A 624 -30.33 -8.81 10.37
N GLY A 625 -29.11 -9.32 10.51
CA GLY A 625 -28.89 -10.77 10.58
C GLY A 625 -28.82 -11.32 11.99
N GLN A 626 -28.18 -12.49 12.12
CA GLN A 626 -28.22 -13.26 13.36
C GLN A 626 -27.06 -13.03 14.31
N VAL A 627 -25.91 -12.62 13.77
CA VAL A 627 -24.70 -12.49 14.60
C VAL A 627 -24.05 -11.11 14.46
N THR A 628 -23.11 -10.82 15.36
CA THR A 628 -22.35 -9.58 15.34
C THR A 628 -21.42 -9.55 14.12
N GLY A 629 -21.31 -8.40 13.49
CA GLY A 629 -20.42 -8.23 12.35
C GLY A 629 -20.14 -6.78 12.02
N ALA A 630 -19.00 -6.54 11.40
CA ALA A 630 -18.64 -5.20 10.95
C ALA A 630 -18.90 -5.05 9.45
N GLU A 631 -19.49 -3.93 9.07
CA GLU A 631 -19.77 -3.65 7.67
C GLU A 631 -18.94 -2.49 7.13
N VAL A 632 -18.43 -2.66 5.91
CA VAL A 632 -17.72 -1.60 5.21
C VAL A 632 -18.66 -0.97 4.18
N ALA A 633 -19.14 0.22 4.49
CA ALA A 633 -19.99 0.98 3.57
C ALA A 633 -19.13 1.85 2.67
N GLN A 634 -19.45 1.85 1.38
CA GLN A 634 -18.65 2.56 0.39
C GLN A 634 -19.46 3.62 -0.34
N LEU A 635 -18.86 4.79 -0.54
CA LEU A 635 -19.45 5.84 -1.37
C LEU A 635 -18.77 5.87 -2.73
N TYR A 636 -19.59 5.82 -3.78
CA TYR A 636 -19.10 5.96 -5.15
C TYR A 636 -19.76 7.15 -5.81
N ILE A 637 -18.94 7.98 -6.46
CA ILE A 637 -19.44 9.17 -7.12
C ILE A 637 -19.33 9.06 -8.64
N THR A 638 -20.40 9.43 -9.33
CA THR A 638 -20.44 9.56 -10.77
C THR A 638 -20.47 11.05 -11.10
N TYR A 639 -19.49 11.51 -11.87
CA TYR A 639 -19.40 12.92 -12.24
C TYR A 639 -20.46 13.28 -13.29
N PRO A 640 -20.85 14.57 -13.39
CA PRO A 640 -21.77 14.95 -14.46
C PRO A 640 -21.27 14.44 -15.81
N SER A 641 -22.18 14.07 -16.70
CA SER A 641 -21.83 13.55 -18.02
C SER A 641 -21.32 14.63 -18.96
N SER A 642 -21.47 15.90 -18.58
CA SER A 642 -20.92 17.01 -19.34
C SER A 642 -19.42 17.21 -19.10
N ALA A 643 -18.94 16.72 -17.96
CA ALA A 643 -17.53 16.77 -17.59
C ALA A 643 -16.71 15.86 -18.52
N PRO A 644 -15.38 16.12 -18.65
CA PRO A 644 -14.55 15.28 -19.51
C PRO A 644 -14.64 13.80 -19.11
N ARG A 645 -14.47 12.90 -20.08
CA ARG A 645 -14.64 11.48 -19.85
C ARG A 645 -13.97 11.02 -18.56
N THR A 646 -14.80 10.49 -17.66
CA THR A 646 -14.37 10.02 -16.34
CA THR A 646 -14.36 10.01 -16.35
C THR A 646 -14.94 8.61 -16.12
N PRO A 647 -14.24 7.75 -15.35
CA PRO A 647 -14.85 6.44 -15.07
C PRO A 647 -16.26 6.57 -14.46
N PRO A 648 -17.18 5.67 -14.83
CA PRO A 648 -18.59 5.80 -14.40
C PRO A 648 -18.73 5.91 -12.88
N LYS A 649 -17.94 5.16 -12.13
CA LYS A 649 -17.93 5.22 -10.67
C LYS A 649 -16.52 5.42 -10.13
N GLN A 650 -16.42 6.23 -9.07
CA GLN A 650 -15.15 6.47 -8.37
C GLN A 650 -15.37 6.44 -6.86
N LEU A 651 -14.57 5.63 -6.16
CA LEU A 651 -14.63 5.59 -4.70
C LEU A 651 -14.25 6.95 -4.14
N ARG A 652 -15.11 7.52 -3.30
CA ARG A 652 -14.87 8.84 -2.69
C ARG A 652 -15.22 8.84 -1.20
N GLY A 653 -15.37 7.65 -0.64
CA GLY A 653 -15.69 7.52 0.77
C GLY A 653 -15.89 6.08 1.20
N PHE A 654 -15.55 5.82 2.47
CA PHE A 654 -15.81 4.54 3.11
C PHE A 654 -15.90 4.72 4.62
N ALA A 655 -16.65 3.83 5.26
CA ALA A 655 -16.78 3.80 6.71
C ALA A 655 -16.90 2.34 7.15
N LYS A 656 -16.40 2.04 8.35
CA LYS A 656 -16.54 0.70 8.91
C LYS A 656 -17.28 0.76 10.25
N LEU A 657 -18.38 0.01 10.35
CA LEU A 657 -19.20 -0.03 11.56
C LEU A 657 -19.36 -1.45 12.07
N ASN A 658 -18.94 -1.68 13.32
CA ASN A 658 -19.24 -2.94 14.00
C ASN A 658 -20.66 -2.85 14.57
N LEU A 659 -21.48 -3.84 14.25
CA LEU A 659 -22.85 -3.85 14.71
C LEU A 659 -23.25 -5.23 15.24
N THR A 660 -23.77 -5.26 16.45
CA THR A 660 -24.43 -6.44 16.99
C THR A 660 -25.82 -6.58 16.32
N PRO A 661 -26.47 -7.75 16.43
CA PRO A 661 -27.82 -7.87 15.86
C PRO A 661 -28.79 -6.79 16.34
N GLY A 662 -29.47 -6.13 15.41
CA GLY A 662 -30.44 -5.08 15.73
C GLY A 662 -29.83 -3.72 16.00
N GLN A 663 -28.50 -3.64 15.99
CA GLN A 663 -27.81 -2.37 16.20
C GLN A 663 -27.81 -1.56 14.92
N SER A 664 -28.03 -0.26 15.06
CA SER A 664 -27.97 0.68 13.95
C SER A 664 -26.84 1.67 14.18
N GLY A 665 -26.20 2.12 13.10
CA GLY A 665 -25.10 3.08 13.19
C GLY A 665 -25.03 4.03 12.00
N THR A 666 -24.36 5.16 12.22
CA THR A 666 -24.22 6.18 11.20
C THR A 666 -22.90 6.05 10.46
N ALA A 667 -22.97 5.98 9.13
CA ALA A 667 -21.79 6.07 8.28
C ALA A 667 -21.74 7.46 7.66
N THR A 668 -20.66 8.18 7.96
CA THR A 668 -20.48 9.55 7.49
C THR A 668 -19.33 9.63 6.49
N PHE A 669 -19.63 10.10 5.28
CA PHE A 669 -18.61 10.31 4.27
C PHE A 669 -18.39 11.80 4.06
N ASN A 670 -17.23 12.28 4.49
CA ASN A 670 -16.85 13.68 4.27
C ASN A 670 -16.19 13.85 2.91
N ILE A 671 -16.74 14.78 2.13
CA ILE A 671 -16.29 14.99 0.76
C ILE A 671 -15.46 16.27 0.63
N ARG A 672 -14.18 16.09 0.29
CA ARG A 672 -13.26 17.20 0.07
C ARG A 672 -13.51 17.76 -1.32
N ARG A 673 -13.08 19.00 -1.55
CA ARG A 673 -13.24 19.61 -2.87
C ARG A 673 -12.66 18.74 -3.99
N ARG A 674 -11.48 18.17 -3.75
CA ARG A 674 -10.81 17.32 -4.76
C ARG A 674 -11.60 16.06 -5.10
N ASP A 675 -12.44 15.60 -4.16
CA ASP A 675 -13.27 14.41 -4.38
C ASP A 675 -14.37 14.65 -5.42
N LEU A 676 -14.61 15.92 -5.76
CA LEU A 676 -15.55 16.30 -6.82
C LEU A 676 -14.85 16.93 -8.03
N SER A 677 -13.52 16.83 -8.05
CA SER A 677 -12.70 17.48 -9.08
C SER A 677 -12.07 16.52 -10.08
N TYR A 678 -11.78 17.04 -11.27
CA TYR A 678 -10.95 16.35 -12.26
C TYR A 678 -9.78 17.28 -12.58
N TRP A 679 -8.69 16.72 -13.09
CA TRP A 679 -7.52 17.52 -13.46
C TRP A 679 -7.68 18.04 -14.89
N ASP A 680 -7.71 19.36 -15.04
CA ASP A 680 -7.75 19.97 -16.37
C ASP A 680 -6.31 20.25 -16.82
N THR A 681 -5.90 19.55 -17.89
CA THR A 681 -4.53 19.64 -18.38
CA THR A 681 -4.53 19.63 -18.42
C THR A 681 -4.15 21.03 -18.89
N ALA A 682 -5.00 21.65 -19.70
CA ALA A 682 -4.72 22.96 -20.29
C ALA A 682 -4.40 24.03 -19.25
N SER A 683 -5.18 24.10 -18.18
CA SER A 683 -4.96 25.10 -17.12
C SER A 683 -4.12 24.58 -15.95
N GLN A 684 -3.80 23.29 -15.96
CA GLN A 684 -3.05 22.64 -14.87
C GLN A 684 -3.70 22.93 -13.50
N LYS A 685 -5.00 22.65 -13.43
CA LYS A 685 -5.78 22.95 -12.25
C LYS A 685 -6.81 21.87 -12.00
N TRP A 686 -7.14 21.65 -10.73
CA TRP A 686 -8.24 20.80 -10.34
C TRP A 686 -9.53 21.59 -10.45
N VAL A 687 -10.50 21.03 -11.16
CA VAL A 687 -11.74 21.73 -11.45
C VAL A 687 -12.93 20.89 -11.01
N VAL A 688 -13.88 21.53 -10.33
CA VAL A 688 -15.18 20.93 -10.04
C VAL A 688 -16.14 21.32 -11.16
N PRO A 689 -16.61 20.33 -11.94
CA PRO A 689 -17.59 20.64 -12.98
C PRO A 689 -18.96 20.95 -12.39
N SER A 690 -19.73 21.78 -13.07
CA SER A 690 -21.11 22.04 -12.66
CA SER A 690 -21.11 22.05 -12.69
C SER A 690 -21.99 20.89 -13.12
N GLY A 691 -23.14 20.73 -12.47
CA GLY A 691 -24.07 19.67 -12.82
C GLY A 691 -24.40 18.77 -11.64
N SER A 692 -25.12 17.69 -11.94
CA SER A 692 -25.56 16.73 -10.94
C SER A 692 -24.61 15.54 -10.87
N PHE A 693 -24.01 15.36 -9.70
CA PHE A 693 -23.13 14.24 -9.42
C PHE A 693 -23.96 13.07 -8.91
N GLY A 694 -23.75 11.89 -9.48
CA GLY A 694 -24.39 10.67 -8.99
C GLY A 694 -23.79 10.25 -7.66
N ILE A 695 -24.65 10.01 -6.68
CA ILE A 695 -24.21 9.54 -5.36
C ILE A 695 -24.69 8.10 -5.17
N SER A 696 -23.73 7.19 -5.00
CA SER A 696 -24.02 5.77 -4.85
C SER A 696 -23.36 5.19 -3.61
N VAL A 697 -24.18 4.64 -2.71
CA VAL A 697 -23.69 4.04 -1.49
C VAL A 697 -24.12 2.57 -1.44
N GLY A 698 -23.19 1.70 -1.05
CA GLY A 698 -23.48 0.29 -0.92
C GLY A 698 -22.37 -0.56 -0.33
N ALA A 699 -22.51 -1.87 -0.51
CA ALA A 699 -21.65 -2.87 0.13
C ALA A 699 -20.43 -3.24 -0.72
N SER A 700 -20.38 -2.70 -1.95
CA SER A 700 -19.30 -2.93 -2.91
C SER A 700 -19.47 -1.98 -4.10
N SER A 701 -18.58 -2.06 -5.09
CA SER A 701 -18.68 -1.24 -6.30
C SER A 701 -19.83 -1.66 -7.22
N ARG A 702 -20.37 -2.86 -6.98
CA ARG A 702 -21.52 -3.37 -7.75
C ARG A 702 -22.80 -3.47 -6.91
N ASP A 703 -22.63 -3.72 -5.62
CA ASP A 703 -23.74 -3.86 -4.68
C ASP A 703 -24.16 -2.50 -4.11
N ILE A 704 -24.74 -1.66 -4.97
CA ILE A 704 -25.23 -0.36 -4.57
C ILE A 704 -26.62 -0.49 -3.94
N ARG A 705 -26.76 0.00 -2.72
CA ARG A 705 -28.00 -0.11 -1.96
C ARG A 705 -28.88 1.12 -2.11
N LEU A 706 -28.26 2.30 -2.13
CA LEU A 706 -28.99 3.55 -2.20
C LEU A 706 -28.29 4.54 -3.13
N THR A 707 -29.08 5.38 -3.79
CA THR A 707 -28.56 6.42 -4.67
C THR A 707 -29.21 7.75 -4.37
N SER A 708 -28.43 8.81 -4.55
CA SER A 708 -28.92 10.18 -4.45
C SER A 708 -28.16 11.02 -5.48
N THR A 709 -28.21 12.34 -5.31
CA THR A 709 -27.52 13.27 -6.20
C THR A 709 -26.87 14.39 -5.39
N LEU A 710 -25.76 14.90 -5.92
CA LEU A 710 -25.13 16.09 -5.39
C LEU A 710 -25.11 17.11 -6.52
N SER A 711 -25.68 18.28 -6.26
CA SER A 711 -25.88 19.29 -7.28
C SER A 711 -24.91 20.45 -7.12
N VAL A 712 -24.13 20.71 -8.17
CA VAL A 712 -23.19 21.84 -8.21
C VAL A 712 -23.65 22.83 -9.30
N ALA A 713 -23.96 24.07 -8.89
CA ALA A 713 -24.49 25.08 -9.80
C ALA A 713 -23.49 25.50 -10.88
#